data_4GYK
#
_entry.id   4GYK
#
_cell.length_a   53.978
_cell.length_b   132.154
_cell.length_c   73.688
_cell.angle_alpha   90.00
_cell.angle_beta   90.21
_cell.angle_gamma   90.00
#
_symmetry.space_group_name_H-M   'P 1 21 1'
#
loop_
_entity.id
_entity.type
_entity.pdbx_description
1 polymer 'Glycoside Hydrolase NagZ'
2 branched '2-acetamido-2-deoxy-beta-D-glucopyranose-(1-4)-N-acetyl-alpha-muramic acid'
3 water water
#
_entity_poly.entity_id   1
_entity_poly.type   'polypeptide(L)'
_entity_poly.pdbx_seq_one_letter_code
;MGSSHHHHHHSSGLVPRGSHMFFGARQTEASASKRAIDANQIVNRMSLDEKLGQMLMPDFRNWQKEGESSPQALTKMNDE
VASLVKKYQFGGIILFAENVKTTKQTVQLTDDYQKASPKIPLMLSIDQEGGIVTRLGEGTNFPGNMALGAARSRINAYQT
GSIIGKELSALGINTDFSPVVDINNNPDNPVIGVRSFSSNRELTSRLGLYTMKGLQRQDIASALKHFPGHGDTDVDSHYG
LPLVSHGQERLREVELYPFQKAIDAGADMVMTAHVQFPAFDDTTYKSKLDGSDILVPATLSKKVMTGLLRQEMGFNGVIV
TNALNMKAIADHFGQEEAVVMAVKAGVDIALMPASVTSLKEEQKFARVIQALKEAVKNGDIPEQQINNSVERIISLKIKR
GMYPARNSDSTKEKIAKAKKIVGSKQHLKAEKKLAEKAVTVLKNEQHTLPFKPKKGSRILIVAPYEEQTASIEQTIHDLI
KRKKIKPVSLSKMNFASQVFKTEHEKQVKEADYIITGSYVVKNDPVVNDGVIDDTISDSSKWATVFPRAVMKAALQHNKP
FVLMSLRNPYDAANFEEAKALIAVYGFKGYANGRYLQPNIPAGVMAIFGQAKPKGTLPVDIPSVTKPGNTLYPLGYGLNI
KTGRPLGS
;
_entity_poly.pdbx_strand_id   A,B
#
# COMPACT_ATOMS: atom_id res chain seq x y z
N SER A 31 12.40 11.72 -24.47
CA SER A 31 10.94 11.76 -24.39
C SER A 31 10.40 13.18 -24.24
N ALA A 32 10.77 13.86 -23.15
CA ALA A 32 10.33 15.24 -22.89
C ALA A 32 10.84 16.16 -23.99
N SER A 33 12.05 15.86 -24.47
CA SER A 33 12.62 16.54 -25.62
C SER A 33 11.68 16.38 -26.82
N LYS A 34 11.33 15.13 -27.13
CA LYS A 34 10.46 14.79 -28.27
C LYS A 34 9.05 15.37 -28.10
N ARG A 35 8.56 15.34 -26.86
CA ARG A 35 7.26 15.91 -26.49
C ARG A 35 7.16 17.39 -26.85
N ALA A 36 8.26 18.11 -26.63
CA ALA A 36 8.26 19.55 -26.89
C ALA A 36 8.29 19.85 -28.40
N ILE A 37 9.05 19.06 -29.16
CA ILE A 37 9.10 19.30 -30.60
C ILE A 37 7.74 19.01 -31.21
N ASP A 38 7.17 17.88 -30.81
CA ASP A 38 5.82 17.50 -31.24
C ASP A 38 4.81 18.63 -30.96
N ALA A 39 4.74 19.09 -29.70
CA ALA A 39 3.78 20.14 -29.33
C ALA A 39 4.03 21.38 -30.20
N ASN A 40 5.30 21.70 -30.41
CA ASN A 40 5.60 22.87 -31.24
C ASN A 40 5.08 22.74 -32.67
N GLN A 41 5.26 21.57 -33.29
CA GLN A 41 4.76 21.38 -34.65
C GLN A 41 3.24 21.47 -34.71
N ILE A 42 2.58 20.92 -33.69
CA ILE A 42 1.12 20.95 -33.68
C ILE A 42 0.62 22.39 -33.53
N VAL A 43 1.20 23.14 -32.60
CA VAL A 43 0.73 24.52 -32.38
C VAL A 43 0.99 25.40 -33.62
N ASN A 44 2.12 25.18 -34.28
CA ASN A 44 2.46 25.98 -35.46
C ASN A 44 1.45 25.87 -36.61
N ARG A 45 0.70 24.76 -36.66
CA ARG A 45 -0.30 24.54 -37.71
C ARG A 45 -1.70 25.06 -37.36
N MET A 46 -1.93 25.38 -36.09
CA MET A 46 -3.26 25.82 -35.62
C MET A 46 -3.51 27.27 -35.96
N SER A 47 -4.77 27.60 -36.25
CA SER A 47 -5.18 29.00 -36.40
C SER A 47 -5.26 29.64 -35.01
N LEU A 48 -5.35 30.97 -34.97
CA LEU A 48 -5.50 31.66 -33.68
C LEU A 48 -6.78 31.22 -32.96
N ASP A 49 -7.85 30.99 -33.71
CA ASP A 49 -9.09 30.51 -33.11
C ASP A 49 -8.91 29.15 -32.42
N GLU A 50 -8.19 28.26 -33.09
CA GLU A 50 -7.95 26.94 -32.54
C GLU A 50 -7.08 27.10 -31.31
N LYS A 51 -6.14 28.04 -31.37
CA LYS A 51 -5.22 28.21 -30.25
C LYS A 51 -5.91 28.78 -29.03
N LEU A 52 -6.75 29.78 -29.22
CA LEU A 52 -7.45 30.39 -28.10
C LEU A 52 -8.46 29.40 -27.51
N GLY A 53 -9.03 28.59 -28.39
CA GLY A 53 -9.89 27.49 -27.94
C GLY A 53 -9.22 26.57 -26.92
N GLN A 54 -7.99 26.13 -27.23
CA GLN A 54 -7.25 25.27 -26.30
C GLN A 54 -7.16 25.84 -24.91
N MET A 55 -7.13 27.17 -24.78
CA MET A 55 -6.90 27.84 -23.51
C MET A 55 -8.17 28.05 -22.69
N LEU A 56 -9.29 27.54 -23.20
CA LEU A 56 -10.55 27.67 -22.49
C LEU A 56 -10.98 26.32 -21.95
N MET A 57 -11.47 26.31 -20.69
CA MET A 57 -12.02 25.10 -20.06
C MET A 57 -13.35 25.43 -19.38
N PRO A 58 -14.44 25.38 -20.16
CA PRO A 58 -15.76 25.68 -19.60
C PRO A 58 -16.31 24.51 -18.79
N ASP A 59 -17.40 24.77 -18.06
CA ASP A 59 -18.23 23.69 -17.53
C ASP A 59 -19.55 23.68 -18.27
N PHE A 60 -20.19 22.51 -18.31
CA PHE A 60 -21.60 22.47 -18.67
C PHE A 60 -22.30 21.68 -17.57
N ARG A 61 -22.39 22.32 -16.42
CA ARG A 61 -23.00 21.67 -15.26
C ARG A 61 -24.47 21.39 -15.51
N ASN A 62 -25.20 22.40 -15.98
CA ASN A 62 -26.62 22.29 -16.29
C ASN A 62 -26.83 22.76 -17.70
N TRP A 63 -27.94 22.36 -18.31
CA TRP A 63 -28.21 22.77 -19.68
C TRP A 63 -29.71 22.91 -19.88
N GLN A 64 -30.06 23.91 -20.65
CA GLN A 64 -31.45 24.15 -21.04
C GLN A 64 -31.56 24.10 -22.56
N LYS A 65 -32.18 23.04 -23.06
CA LYS A 65 -32.31 22.83 -24.48
C LYS A 65 -33.35 23.79 -25.04
N GLU A 66 -33.33 23.94 -26.36
CA GLU A 66 -34.35 24.67 -27.08
C GLU A 66 -35.74 24.15 -26.72
N GLY A 67 -36.66 25.05 -26.40
CA GLY A 67 -37.99 24.65 -25.99
C GLY A 67 -38.18 24.44 -24.50
N GLU A 68 -37.08 24.20 -23.77
CA GLU A 68 -37.15 24.03 -22.32
C GLU A 68 -37.16 25.41 -21.64
N SER A 69 -37.83 25.50 -20.49
CA SER A 69 -38.02 26.78 -19.81
C SER A 69 -36.96 26.99 -18.73
N SER A 70 -36.26 25.92 -18.37
CA SER A 70 -35.22 25.99 -17.32
C SER A 70 -34.12 24.94 -17.50
N PRO A 71 -32.90 25.25 -17.00
CA PRO A 71 -31.78 24.28 -17.05
C PRO A 71 -32.06 23.04 -16.21
N GLN A 72 -31.49 21.91 -16.58
CA GLN A 72 -31.47 20.76 -15.69
C GLN A 72 -30.08 20.18 -15.78
N ALA A 73 -29.70 19.36 -14.80
CA ALA A 73 -28.35 18.76 -14.82
C ALA A 73 -28.06 18.04 -16.14
N LEU A 74 -26.88 18.29 -16.69
CA LEU A 74 -26.43 17.62 -17.90
C LEU A 74 -25.81 16.27 -17.53
N THR A 75 -26.58 15.20 -17.74
CA THR A 75 -26.09 13.86 -17.46
C THR A 75 -25.71 13.11 -18.74
N LYS A 76 -26.29 13.53 -19.87
CA LYS A 76 -25.89 12.92 -21.15
C LYS A 76 -25.67 14.00 -22.18
N MET A 77 -24.83 13.69 -23.17
CA MET A 77 -24.56 14.65 -24.25
C MET A 77 -25.82 14.92 -25.08
N ASN A 78 -25.91 16.12 -25.62
CA ASN A 78 -26.92 16.41 -26.65
C ASN A 78 -26.25 17.18 -27.79
N ASP A 79 -26.98 17.35 -28.89
CA ASP A 79 -26.37 17.93 -30.08
C ASP A 79 -26.04 19.38 -29.89
N GLU A 80 -26.73 20.04 -28.95
CA GLU A 80 -26.49 21.47 -28.74
C GLU A 80 -25.12 21.69 -28.08
N VAL A 81 -24.85 20.96 -27.01
CA VAL A 81 -23.55 21.05 -26.37
C VAL A 81 -22.43 20.58 -27.32
N ALA A 82 -22.64 19.44 -27.96
CA ALA A 82 -21.65 18.94 -28.91
C ALA A 82 -21.31 20.00 -29.96
N SER A 83 -22.30 20.75 -30.44
CA SER A 83 -22.05 21.78 -31.45
C SER A 83 -21.17 22.93 -30.95
N LEU A 84 -21.24 23.27 -29.66
CA LEU A 84 -20.40 24.33 -29.09
C LEU A 84 -18.97 23.81 -28.90
N VAL A 85 -18.83 22.53 -28.55
CA VAL A 85 -17.51 21.93 -28.42
C VAL A 85 -16.87 21.93 -29.82
N LYS A 86 -17.65 21.60 -30.84
CA LYS A 86 -17.11 21.57 -32.23
C LYS A 86 -16.77 22.96 -32.76
N LYS A 87 -17.62 23.92 -32.47
CA LYS A 87 -17.41 25.30 -32.94
C LYS A 87 -16.16 25.97 -32.35
N TYR A 88 -16.05 25.94 -31.03
CA TYR A 88 -15.04 26.70 -30.27
C TYR A 88 -13.78 25.88 -29.97
N GLN A 89 -13.90 24.55 -30.08
CA GLN A 89 -12.75 23.65 -29.91
C GLN A 89 -12.01 23.87 -28.59
N PHE A 90 -12.75 23.75 -27.49
CA PHE A 90 -12.20 23.95 -26.16
C PHE A 90 -11.04 23.00 -25.90
N GLY A 91 -10.14 23.42 -25.02
CA GLY A 91 -9.05 22.55 -24.57
C GLY A 91 -9.50 21.54 -23.52
N GLY A 92 -10.63 21.82 -22.87
CA GLY A 92 -11.07 20.96 -21.79
C GLY A 92 -12.45 21.27 -21.27
N ILE A 93 -12.97 20.39 -20.42
CA ILE A 93 -14.26 20.58 -19.75
C ILE A 93 -14.06 20.18 -18.28
N ILE A 94 -14.53 21.02 -17.35
CA ILE A 94 -14.56 20.61 -15.95
C ILE A 94 -15.90 19.99 -15.65
N LEU A 95 -15.85 18.83 -14.99
CA LEU A 95 -17.08 18.14 -14.60
C LEU A 95 -17.44 18.38 -13.15
N PHE A 96 -18.73 18.52 -12.87
CA PHE A 96 -19.22 18.61 -11.49
C PHE A 96 -20.09 17.42 -11.10
N ALA A 97 -20.53 17.37 -9.83
CA ALA A 97 -21.24 16.21 -9.34
C ALA A 97 -22.49 15.89 -10.18
N GLU A 98 -23.14 16.94 -10.69
CA GLU A 98 -24.34 16.80 -11.54
C GLU A 98 -24.10 15.91 -12.77
N ASN A 99 -22.87 15.95 -13.25
CA ASN A 99 -22.46 15.31 -14.50
C ASN A 99 -21.92 13.91 -14.34
N VAL A 100 -21.66 13.48 -13.10
CA VAL A 100 -20.95 12.21 -12.87
C VAL A 100 -21.60 11.29 -11.81
N LYS A 101 -22.91 11.20 -11.85
CA LYS A 101 -23.68 10.52 -10.80
C LYS A 101 -23.50 9.00 -10.77
N THR A 102 -23.33 8.39 -11.94
CA THR A 102 -23.11 6.96 -11.99
C THR A 102 -21.96 6.59 -12.93
N THR A 103 -21.39 5.42 -12.69
CA THR A 103 -20.26 4.95 -13.50
C THR A 103 -20.67 4.80 -14.95
N LYS A 104 -21.82 4.19 -15.18
CA LYS A 104 -22.33 4.01 -16.52
C LYS A 104 -22.56 5.34 -17.24
N GLN A 105 -23.22 6.27 -16.59
CA GLN A 105 -23.52 7.57 -17.21
C GLN A 105 -22.25 8.39 -17.52
N THR A 106 -21.29 8.28 -16.61
CA THR A 106 -20.05 9.03 -16.70
C THR A 106 -19.20 8.55 -17.86
N VAL A 107 -19.07 7.22 -18.01
CA VAL A 107 -18.28 6.70 -19.11
C VAL A 107 -18.96 7.12 -20.41
N GLN A 108 -20.29 7.00 -20.46
CA GLN A 108 -21.04 7.46 -21.64
C GLN A 108 -20.74 8.94 -21.92
N LEU A 109 -20.73 9.75 -20.88
CA LEU A 109 -20.53 11.19 -21.07
C LEU A 109 -19.13 11.55 -21.53
N THR A 110 -18.10 10.94 -20.95
CA THR A 110 -16.75 11.30 -21.34
C THR A 110 -16.46 10.80 -22.74
N ASP A 111 -16.97 9.62 -23.07
CA ASP A 111 -16.84 9.13 -24.43
C ASP A 111 -17.50 10.07 -25.44
N ASP A 112 -18.69 10.59 -25.12
CA ASP A 112 -19.41 11.48 -26.06
C ASP A 112 -18.76 12.87 -26.13
N TYR A 113 -18.24 13.36 -25.00
CA TYR A 113 -17.44 14.60 -25.06
C TYR A 113 -16.25 14.42 -26.01
N GLN A 114 -15.53 13.30 -25.89
CA GLN A 114 -14.36 13.09 -26.74
C GLN A 114 -14.73 12.89 -28.20
N LYS A 115 -15.92 12.33 -28.47
CA LYS A 115 -16.36 12.20 -29.87
C LYS A 115 -16.64 13.56 -30.45
N ALA A 116 -17.01 14.50 -29.61
CA ALA A 116 -17.30 15.85 -30.06
C ALA A 116 -16.01 16.68 -30.19
N SER A 117 -14.89 16.13 -29.71
CA SER A 117 -13.58 16.79 -29.80
C SER A 117 -12.51 15.87 -30.40
N PRO A 118 -12.70 15.45 -31.67
CA PRO A 118 -11.84 14.41 -32.24
C PRO A 118 -10.45 14.87 -32.67
N LYS A 119 -10.29 16.15 -32.96
CA LYS A 119 -9.01 16.67 -33.44
C LYS A 119 -7.99 16.71 -32.31
N ILE A 120 -8.32 17.38 -31.22
CA ILE A 120 -7.47 17.34 -30.03
C ILE A 120 -8.32 16.92 -28.85
N PRO A 121 -8.01 15.77 -28.22
CA PRO A 121 -8.88 15.32 -27.12
C PRO A 121 -8.95 16.35 -26.01
N LEU A 122 -10.08 16.43 -25.34
CA LEU A 122 -10.30 17.38 -24.27
C LEU A 122 -9.55 16.96 -23.00
N MET A 123 -9.05 17.92 -22.23
CA MET A 123 -8.77 17.67 -20.82
C MET A 123 -10.10 17.64 -20.07
N LEU A 124 -10.48 16.48 -19.54
CA LEU A 124 -11.71 16.36 -18.79
C LEU A 124 -11.35 16.29 -17.32
N SER A 125 -11.69 17.35 -16.59
CA SER A 125 -11.20 17.54 -15.23
C SER A 125 -12.29 17.49 -14.18
N ILE A 126 -11.84 17.40 -12.94
CA ILE A 126 -12.78 17.25 -11.82
C ILE A 126 -12.08 17.56 -10.52
N ASP A 127 -12.83 17.96 -9.51
CA ASP A 127 -12.27 18.15 -8.18
C ASP A 127 -12.45 16.89 -7.34
N GLN A 128 -11.68 15.84 -7.59
CA GLN A 128 -11.81 14.64 -6.80
C GLN A 128 -10.68 14.60 -5.77
N GLU A 129 -10.85 15.38 -4.70
CA GLU A 129 -9.81 15.53 -3.69
C GLU A 129 -9.79 14.39 -2.71
N GLY A 130 -10.98 13.87 -2.40
CA GLY A 130 -11.18 12.95 -1.29
C GLY A 130 -11.74 13.66 -0.06
N GLY A 131 -12.37 12.92 0.85
CA GLY A 131 -12.85 13.55 2.08
C GLY A 131 -14.07 14.39 1.79
N ILE A 132 -14.00 15.70 2.10
CA ILE A 132 -15.19 16.54 1.96
C ILE A 132 -15.43 17.13 0.58
N VAL A 133 -14.46 17.02 -0.32
CA VAL A 133 -14.63 17.39 -1.72
C VAL A 133 -14.49 16.16 -2.61
N THR A 134 -15.61 15.59 -3.03
CA THR A 134 -15.63 14.51 -4.02
C THR A 134 -16.80 14.80 -4.95
N ARG A 135 -16.75 14.26 -6.15
CA ARG A 135 -17.80 14.49 -7.14
C ARG A 135 -18.42 13.15 -7.62
N LEU A 136 -17.60 12.11 -7.72
CA LEU A 136 -18.06 10.83 -8.29
C LEU A 136 -19.21 10.25 -7.47
N GLY A 137 -20.30 9.93 -8.14
CA GLY A 137 -21.47 9.41 -7.47
C GLY A 137 -21.23 8.00 -6.92
N GLU A 138 -20.41 7.21 -7.60
CA GLU A 138 -20.22 5.81 -7.21
C GLU A 138 -18.76 5.42 -6.90
N GLY A 139 -17.90 6.41 -6.77
CA GLY A 139 -16.50 6.17 -6.49
C GLY A 139 -16.16 6.04 -5.02
N THR A 140 -14.88 5.84 -4.73
CA THR A 140 -14.36 5.73 -3.35
C THR A 140 -14.08 7.15 -2.79
N ASN A 141 -14.68 7.50 -1.64
CA ASN A 141 -14.62 8.89 -1.17
C ASN A 141 -13.33 9.29 -0.48
N PHE A 142 -12.81 8.37 0.35
CA PHE A 142 -11.63 8.58 1.18
C PHE A 142 -11.85 9.54 2.36
N PRO A 143 -10.98 9.47 3.39
CA PRO A 143 -11.25 10.30 4.58
C PRO A 143 -10.76 11.74 4.42
N GLY A 144 -9.95 12.02 3.41
CA GLY A 144 -9.53 13.39 3.15
C GLY A 144 -8.11 13.69 3.51
N ASN A 145 -7.66 14.89 3.17
CA ASN A 145 -6.25 15.25 3.37
C ASN A 145 -5.79 15.31 4.83
N MET A 146 -6.56 15.93 5.71
CA MET A 146 -6.08 16.03 7.08
C MET A 146 -5.95 14.64 7.71
N ALA A 147 -6.86 13.75 7.34
CA ALA A 147 -6.75 12.35 7.75
C ALA A 147 -5.46 11.71 7.21
N LEU A 148 -5.11 11.98 5.94
CA LEU A 148 -3.84 11.51 5.41
C LEU A 148 -2.67 12.08 6.21
N GLY A 149 -2.75 13.37 6.55
CA GLY A 149 -1.77 13.98 7.43
C GLY A 149 -1.61 13.20 8.73
N ALA A 150 -2.75 12.87 9.33
CA ALA A 150 -2.76 12.12 10.58
C ALA A 150 -2.18 10.72 10.41
N ALA A 151 -2.40 10.10 9.25
CA ALA A 151 -1.85 8.76 9.02
C ALA A 151 -0.36 8.79 8.70
N ARG A 152 0.12 9.99 8.37
CA ARG A 152 1.54 10.30 8.23
C ARG A 152 2.30 9.74 6.99
N SER A 153 2.08 8.50 6.63
CA SER A 153 2.91 7.83 5.62
C SER A 153 2.78 8.36 4.18
N ARG A 154 3.90 8.64 3.54
CA ARG A 154 3.86 9.04 2.13
C ARG A 154 3.30 7.92 1.25
N ILE A 155 3.53 6.68 1.66
CA ILE A 155 2.98 5.52 0.96
C ILE A 155 1.44 5.56 0.96
N ASN A 156 0.81 5.94 2.08
CA ASN A 156 -0.65 6.05 2.11
C ASN A 156 -1.15 7.13 1.15
N ALA A 157 -0.46 8.26 1.07
CA ALA A 157 -0.88 9.30 0.14
C ALA A 157 -0.71 8.82 -1.30
N TYR A 158 0.39 8.14 -1.56
CA TYR A 158 0.62 7.63 -2.91
C TYR A 158 -0.45 6.63 -3.32
N GLN A 159 -0.74 5.67 -2.44
CA GLN A 159 -1.75 4.67 -2.78
C GLN A 159 -3.14 5.34 -2.95
N THR A 160 -3.39 6.39 -2.20
CA THR A 160 -4.69 7.10 -2.31
C THR A 160 -4.81 7.81 -3.65
N GLY A 161 -3.76 8.55 -4.03
CA GLY A 161 -3.73 9.19 -5.34
C GLY A 161 -3.78 8.17 -6.44
N SER A 162 -3.15 7.03 -6.19
CA SER A 162 -3.11 5.96 -7.19
C SER A 162 -4.52 5.38 -7.41
N ILE A 163 -5.26 5.16 -6.33
CA ILE A 163 -6.62 4.62 -6.42
C ILE A 163 -7.55 5.66 -7.05
N ILE A 164 -7.48 6.91 -6.59
CA ILE A 164 -8.31 7.95 -7.23
C ILE A 164 -7.99 8.03 -8.73
N GLY A 165 -6.70 7.99 -9.06
CA GLY A 165 -6.25 8.02 -10.44
C GLY A 165 -6.76 6.85 -11.26
N LYS A 166 -6.77 5.65 -10.66
CA LYS A 166 -7.31 4.47 -11.35
C LYS A 166 -8.80 4.65 -11.66
N GLU A 167 -9.57 5.12 -10.69
CA GLU A 167 -10.99 5.35 -10.90
C GLU A 167 -11.28 6.40 -11.97
N LEU A 168 -10.60 7.55 -11.86
CA LEU A 168 -10.78 8.60 -12.87
C LEU A 168 -10.44 8.10 -14.26
N SER A 169 -9.30 7.42 -14.38
CA SER A 169 -8.87 6.91 -15.69
C SER A 169 -9.90 5.97 -16.29
N ALA A 170 -10.45 5.07 -15.49
CA ALA A 170 -11.43 4.11 -16.01
C ALA A 170 -12.68 4.84 -16.51
N LEU A 171 -12.95 5.95 -15.85
CA LEU A 171 -14.13 6.75 -16.18
C LEU A 171 -13.93 7.65 -17.39
N GLY A 172 -12.71 7.70 -17.91
CA GLY A 172 -12.43 8.58 -19.04
C GLY A 172 -12.14 10.01 -18.61
N ILE A 173 -11.96 10.21 -17.32
CA ILE A 173 -11.57 11.50 -16.77
C ILE A 173 -10.04 11.49 -16.71
N ASN A 174 -9.40 12.58 -17.13
CA ASN A 174 -7.94 12.55 -17.30
C ASN A 174 -7.20 13.63 -16.54
N THR A 175 -7.92 14.46 -15.80
CA THR A 175 -7.28 15.54 -15.06
C THR A 175 -7.94 15.71 -13.71
N ASP A 176 -7.16 15.74 -12.65
CA ASP A 176 -7.71 15.93 -11.32
C ASP A 176 -7.17 17.23 -10.68
N PHE A 177 -8.05 18.09 -10.24
CA PHE A 177 -7.60 19.31 -9.56
C PHE A 177 -7.30 18.97 -8.10
N SER A 178 -6.16 18.31 -7.92
CA SER A 178 -5.72 17.82 -6.63
C SER A 178 -4.26 17.48 -6.86
N PRO A 179 -3.42 17.61 -5.81
CA PRO A 179 -3.74 17.91 -4.41
C PRO A 179 -3.74 19.38 -4.01
N VAL A 180 -4.59 19.66 -3.03
CA VAL A 180 -4.50 20.87 -2.22
C VAL A 180 -3.18 20.80 -1.45
N VAL A 181 -2.32 21.79 -1.61
CA VAL A 181 -1.09 21.85 -0.84
C VAL A 181 -1.07 23.17 -0.05
N ASP A 182 -2.24 23.75 0.11
CA ASP A 182 -2.44 24.82 1.06
C ASP A 182 -2.12 24.34 2.46
N ILE A 183 -1.54 25.22 3.27
CA ILE A 183 -1.13 24.83 4.61
C ILE A 183 -2.04 25.46 5.66
N ASN A 184 -2.80 24.62 6.35
CA ASN A 184 -3.76 25.10 7.35
C ASN A 184 -3.08 25.37 8.67
N ASN A 185 -2.33 26.47 8.75
CA ASN A 185 -1.52 26.71 9.94
C ASN A 185 -2.10 27.76 10.87
N ASN A 186 -3.29 28.25 10.56
CA ASN A 186 -3.94 29.21 11.43
C ASN A 186 -5.32 28.78 11.93
N PRO A 187 -5.36 28.21 13.14
CA PRO A 187 -6.61 27.73 13.76
C PRO A 187 -7.67 28.82 13.86
N ASP A 188 -7.25 30.08 13.88
CA ASP A 188 -8.20 31.19 13.95
C ASP A 188 -8.84 31.58 12.62
N ASN A 189 -8.28 31.08 11.52
CA ASN A 189 -8.94 31.17 10.24
C ASN A 189 -8.66 29.94 9.39
N PRO A 190 -9.30 28.82 9.73
CA PRO A 190 -8.99 27.54 9.08
C PRO A 190 -9.85 27.31 7.83
N VAL A 191 -9.71 28.17 6.83
CA VAL A 191 -10.61 28.14 5.67
C VAL A 191 -10.48 26.87 4.87
N ILE A 192 -9.24 26.39 4.65
CA ILE A 192 -9.07 25.13 3.93
C ILE A 192 -9.36 23.94 4.84
N GLY A 193 -8.94 24.04 6.11
CA GLY A 193 -9.35 23.07 7.12
C GLY A 193 -8.99 21.64 6.76
N VAL A 194 -9.96 20.73 6.81
CA VAL A 194 -9.66 19.32 6.56
C VAL A 194 -9.25 18.99 5.12
N ARG A 195 -9.35 19.98 4.23
CA ARG A 195 -8.86 19.77 2.85
C ARG A 195 -7.34 19.90 2.79
N SER A 196 -6.76 20.36 3.90
CA SER A 196 -5.32 20.51 4.00
C SER A 196 -4.68 19.38 4.79
N PHE A 197 -3.49 18.99 4.38
CA PHE A 197 -2.80 17.87 5.01
C PHE A 197 -2.42 18.21 6.43
N SER A 198 -1.99 19.45 6.65
CA SER A 198 -1.26 19.74 7.87
C SER A 198 -1.03 21.24 8.10
N SER A 199 -0.66 21.58 9.33
CA SER A 199 -0.20 22.93 9.63
C SER A 199 1.31 23.06 9.39
N ASN A 200 1.96 21.93 9.07
CA ASN A 200 3.42 21.89 8.93
C ASN A 200 3.83 21.82 7.45
N ARG A 201 4.78 22.64 7.03
CA ARG A 201 5.09 22.74 5.60
C ARG A 201 5.68 21.45 5.02
N GLU A 202 6.51 20.77 5.81
CA GLU A 202 7.18 19.58 5.31
C GLU A 202 6.20 18.40 5.21
N LEU A 203 5.32 18.25 6.20
CA LEU A 203 4.33 17.17 6.12
C LEU A 203 3.40 17.43 4.95
N THR A 204 2.99 18.69 4.78
CA THR A 204 2.12 19.00 3.63
C THR A 204 2.83 18.74 2.30
N SER A 205 4.10 19.10 2.27
CA SER A 205 4.86 18.97 1.03
C SER A 205 5.06 17.51 0.63
N ARG A 206 5.40 16.70 1.61
CA ARG A 206 5.64 15.26 1.39
C ARG A 206 4.39 14.57 0.90
N LEU A 207 3.28 14.82 1.57
CA LEU A 207 2.05 14.15 1.22
C LEU A 207 1.51 14.67 -0.10
N GLY A 208 1.71 15.95 -0.39
CA GLY A 208 1.25 16.49 -1.65
C GLY A 208 2.03 15.87 -2.80
N LEU A 209 3.34 15.72 -2.59
CA LEU A 209 4.22 15.20 -3.62
C LEU A 209 3.77 13.79 -3.99
N TYR A 210 3.54 12.96 -2.98
CA TYR A 210 3.19 11.55 -3.26
C TYR A 210 1.75 11.37 -3.72
N THR A 211 0.83 12.24 -3.31
CA THR A 211 -0.50 12.23 -3.91
C THR A 211 -0.38 12.48 -5.40
N MET A 212 0.34 13.55 -5.75
CA MET A 212 0.59 13.89 -7.13
C MET A 212 1.27 12.76 -7.94
N LYS A 213 2.30 12.12 -7.38
CA LYS A 213 2.97 11.00 -8.07
C LYS A 213 1.99 9.84 -8.28
N GLY A 214 1.08 9.69 -7.33
CA GLY A 214 0.11 8.59 -7.39
C GLY A 214 -0.88 8.79 -8.53
N LEU A 215 -1.33 10.04 -8.72
CA LEU A 215 -2.25 10.37 -9.82
C LEU A 215 -1.53 10.21 -11.16
N GLN A 216 -0.32 10.74 -11.23
CA GLN A 216 0.45 10.75 -12.48
C GLN A 216 0.82 9.36 -12.92
N ARG A 217 0.99 8.47 -11.95
CA ARG A 217 1.34 7.07 -12.25
C ARG A 217 0.21 6.42 -13.06
N GLN A 218 -0.99 6.94 -12.86
CA GLN A 218 -2.17 6.44 -13.55
C GLN A 218 -2.49 7.30 -14.78
N ASP A 219 -1.56 8.17 -15.16
CA ASP A 219 -1.75 9.05 -16.30
C ASP A 219 -2.95 9.99 -16.12
N ILE A 220 -3.10 10.49 -14.88
CA ILE A 220 -4.01 11.59 -14.62
C ILE A 220 -3.15 12.84 -14.45
N ALA A 221 -3.49 13.90 -15.15
CA ALA A 221 -2.77 15.18 -14.96
C ALA A 221 -3.17 15.75 -13.60
N SER A 222 -2.19 16.08 -12.77
CA SER A 222 -2.46 16.54 -11.42
C SER A 222 -2.21 18.06 -11.29
N ALA A 223 -3.07 18.77 -10.57
CA ALA A 223 -2.85 20.20 -10.36
C ALA A 223 -2.66 20.50 -8.87
N LEU A 224 -1.53 21.12 -8.53
CA LEU A 224 -1.34 21.64 -7.20
C LEU A 224 -2.26 22.88 -7.00
N LYS A 225 -2.90 23.01 -5.84
CA LYS A 225 -3.68 24.22 -5.60
C LYS A 225 -3.67 24.61 -4.12
N HIS A 226 -3.84 25.90 -3.79
CA HIS A 226 -4.07 27.00 -4.73
C HIS A 226 -2.95 28.03 -4.63
N PHE A 227 -2.21 28.21 -5.72
CA PHE A 227 -0.99 29.00 -5.71
C PHE A 227 -1.29 30.50 -5.67
N PRO A 228 -0.54 31.27 -4.87
CA PRO A 228 0.64 30.91 -4.05
C PRO A 228 0.41 30.50 -2.58
N GLY A 229 -0.77 30.00 -2.24
CA GLY A 229 -1.04 29.50 -0.91
C GLY A 229 -2.29 30.09 -0.28
N HIS A 230 -3.35 29.28 -0.12
CA HIS A 230 -4.68 29.79 0.26
C HIS A 230 -4.93 29.48 1.72
N GLY A 231 -3.92 28.94 2.41
CA GLY A 231 -4.10 28.38 3.74
C GLY A 231 -4.34 29.37 4.88
N ASP A 232 -3.80 30.59 4.78
CA ASP A 232 -3.85 31.56 5.90
C ASP A 232 -4.16 33.00 5.47
N THR A 233 -5.42 33.23 5.11
CA THR A 233 -5.81 34.55 4.65
C THR A 233 -6.24 35.40 5.85
N ASP A 234 -6.24 36.72 5.66
CA ASP A 234 -6.66 37.67 6.70
C ASP A 234 -8.14 37.48 7.03
N VAL A 235 -8.46 37.42 8.32
CA VAL A 235 -9.84 37.11 8.71
C VAL A 235 -10.79 38.25 8.38
N ASP A 236 -10.28 39.48 8.43
CA ASP A 236 -11.10 40.67 8.23
C ASP A 236 -10.99 41.18 6.80
N SER A 237 -10.72 40.29 5.85
CA SER A 237 -10.78 40.63 4.43
C SER A 237 -12.18 41.18 4.16
N HIS A 238 -12.30 42.37 3.57
CA HIS A 238 -13.61 43.02 3.50
C HIS A 238 -13.88 43.66 2.15
N TYR A 239 -13.13 43.24 1.13
CA TYR A 239 -13.37 43.73 -0.23
C TYR A 239 -13.83 42.65 -1.19
N GLY A 240 -14.18 41.49 -0.66
CA GLY A 240 -14.76 40.41 -1.46
C GLY A 240 -13.73 39.38 -1.90
N LEU A 241 -12.48 39.84 -2.04
CA LEU A 241 -11.37 38.96 -2.33
C LEU A 241 -10.62 38.77 -1.03
N PRO A 242 -10.28 37.53 -0.68
CA PRO A 242 -9.44 37.22 0.48
C PRO A 242 -8.10 37.92 0.34
N LEU A 243 -7.49 38.25 1.46
CA LEU A 243 -6.23 38.97 1.47
C LEU A 243 -5.19 38.24 2.31
N VAL A 244 -3.97 38.07 1.79
CA VAL A 244 -2.87 37.60 2.66
C VAL A 244 -1.88 38.75 2.95
N SER A 245 -1.73 39.10 4.22
CA SER A 245 -0.92 40.27 4.60
C SER A 245 0.54 39.95 4.91
N HIS A 246 0.89 38.68 4.93
CA HIS A 246 2.24 38.26 5.30
C HIS A 246 3.28 38.78 4.31
N GLY A 247 4.48 39.09 4.82
CA GLY A 247 5.57 39.55 3.97
C GLY A 247 6.25 38.44 3.18
N GLN A 248 7.14 38.80 2.26
CA GLN A 248 7.75 37.79 1.38
C GLN A 248 8.56 36.71 2.12
N GLU A 249 9.24 37.08 3.19
CA GLU A 249 10.08 36.11 3.90
C GLU A 249 9.20 34.97 4.42
N ARG A 250 8.10 35.32 5.10
CA ARG A 250 7.19 34.29 5.59
C ARG A 250 6.56 33.49 4.45
N LEU A 251 6.13 34.15 3.37
CA LEU A 251 5.50 33.45 2.24
C LEU A 251 6.48 32.44 1.59
N ARG A 252 7.72 32.85 1.44
CA ARG A 252 8.75 31.99 0.84
C ARG A 252 9.09 30.82 1.75
N GLU A 253 9.03 31.05 3.07
CA GLU A 253 9.39 30.02 4.03
C GLU A 253 8.27 29.00 4.25
N VAL A 254 7.01 29.44 4.17
CA VAL A 254 5.89 28.56 4.51
C VAL A 254 4.99 28.25 3.32
N GLU A 255 4.16 29.22 2.94
CA GLU A 255 3.15 29.02 1.89
C GLU A 255 3.75 28.44 0.58
N LEU A 256 4.87 28.99 0.11
CA LEU A 256 5.41 28.58 -1.19
C LEU A 256 6.14 27.22 -1.18
N TYR A 257 6.51 26.78 0.02
CA TYR A 257 7.39 25.64 0.18
C TYR A 257 6.85 24.33 -0.43
N PRO A 258 5.60 23.93 -0.11
CA PRO A 258 5.17 22.70 -0.77
C PRO A 258 4.95 22.88 -2.27
N PHE A 259 4.67 24.09 -2.73
CA PHE A 259 4.56 24.26 -4.19
C PHE A 259 5.93 24.04 -4.82
N GLN A 260 6.97 24.61 -4.23
CA GLN A 260 8.31 24.50 -4.79
CA GLN A 260 8.33 24.49 -4.76
C GLN A 260 8.75 23.02 -4.86
N LYS A 261 8.46 22.27 -3.83
CA LYS A 261 8.95 20.91 -3.75
C LYS A 261 8.26 20.08 -4.85
N ALA A 262 6.97 20.30 -5.03
CA ALA A 262 6.21 19.53 -5.99
C ALA A 262 6.54 19.94 -7.43
N ILE A 263 6.78 21.23 -7.63
CA ILE A 263 7.18 21.71 -8.95
C ILE A 263 8.48 21.07 -9.38
N ASP A 264 9.45 21.01 -8.47
CA ASP A 264 10.73 20.39 -8.79
C ASP A 264 10.60 18.88 -8.99
N ALA A 265 9.59 18.26 -8.39
CA ALA A 265 9.39 16.81 -8.56
C ALA A 265 8.52 16.45 -9.78
N GLY A 266 8.14 17.46 -10.57
CA GLY A 266 7.47 17.24 -11.85
C GLY A 266 5.96 17.47 -11.89
N ALA A 267 5.48 18.43 -11.14
CA ALA A 267 4.05 18.77 -11.20
C ALA A 267 3.61 19.17 -12.61
N ASP A 268 2.45 18.67 -13.03
CA ASP A 268 1.92 18.91 -14.37
C ASP A 268 1.31 20.27 -14.46
N MET A 269 0.55 20.61 -13.42
CA MET A 269 -0.27 21.80 -13.42
C MET A 269 -0.28 22.48 -12.08
N VAL A 270 -0.53 23.80 -12.09
CA VAL A 270 -0.74 24.58 -10.86
C VAL A 270 -2.02 25.42 -11.01
N MET A 271 -2.93 25.32 -10.05
CA MET A 271 -4.13 26.19 -10.04
C MET A 271 -3.92 27.42 -9.16
N THR A 272 -4.42 28.55 -9.63
CA THR A 272 -4.19 29.83 -8.97
C THR A 272 -5.14 30.01 -7.79
N ALA A 273 -4.84 31.00 -6.98
CA ALA A 273 -5.73 31.42 -5.91
C ALA A 273 -6.26 32.82 -6.23
N HIS A 274 -7.56 33.04 -6.06
CA HIS A 274 -8.12 34.38 -6.28
C HIS A 274 -7.91 35.18 -5.02
N VAL A 275 -6.66 35.39 -4.62
CA VAL A 275 -6.36 35.99 -3.33
C VAL A 275 -5.35 37.10 -3.55
N GLN A 276 -5.50 38.20 -2.82
CA GLN A 276 -4.57 39.33 -2.92
C GLN A 276 -3.29 39.06 -2.11
N PHE A 277 -2.13 39.28 -2.72
CA PHE A 277 -0.85 39.17 -2.03
C PHE A 277 -0.04 40.43 -2.27
N PRO A 278 -0.34 41.47 -1.51
CA PRO A 278 0.36 42.75 -1.62
C PRO A 278 1.88 42.63 -1.49
N ALA A 279 2.39 41.65 -0.77
CA ALA A 279 3.85 41.51 -0.66
C ALA A 279 4.50 41.16 -2.01
N PHE A 280 3.74 40.63 -2.96
CA PHE A 280 4.27 40.34 -4.31
C PHE A 280 3.75 41.26 -5.41
N ASP A 281 2.54 41.79 -5.25
CA ASP A 281 1.93 42.67 -6.25
C ASP A 281 0.90 43.61 -5.60
N ASP A 282 1.19 44.91 -5.62
CA ASP A 282 0.27 45.90 -5.05
C ASP A 282 -0.51 46.66 -6.12
N THR A 283 -0.46 46.14 -7.34
CA THR A 283 -1.24 46.69 -8.47
C THR A 283 -2.71 46.76 -8.12
N THR A 284 -3.34 47.89 -8.39
CA THR A 284 -4.78 47.99 -8.20
C THR A 284 -5.51 48.19 -9.53
N TYR A 285 -6.80 47.86 -9.55
CA TYR A 285 -7.66 48.09 -10.69
C TYR A 285 -8.94 48.76 -10.20
N LYS A 286 -9.64 49.44 -11.11
CA LYS A 286 -10.87 50.12 -10.72
C LYS A 286 -11.99 49.12 -10.75
N SER A 287 -12.51 48.76 -9.58
CA SER A 287 -13.56 47.75 -9.51
C SER A 287 -14.78 48.09 -10.38
N LYS A 288 -15.29 47.09 -11.10
CA LYS A 288 -16.52 47.28 -11.88
C LYS A 288 -17.75 47.14 -10.99
N LEU A 289 -17.53 46.77 -9.73
CA LEU A 289 -18.63 46.62 -8.77
C LEU A 289 -18.94 47.93 -8.08
N ASP A 290 -17.90 48.62 -7.61
CA ASP A 290 -18.11 49.86 -6.86
C ASP A 290 -17.18 51.02 -7.26
N GLY A 291 -16.38 50.84 -8.30
CA GLY A 291 -15.53 51.92 -8.79
C GLY A 291 -14.35 52.25 -7.89
N SER A 292 -14.14 51.46 -6.84
CA SER A 292 -13.03 51.68 -5.92
C SER A 292 -11.76 51.01 -6.45
N ASP A 293 -10.60 51.39 -5.92
CA ASP A 293 -9.36 50.71 -6.32
C ASP A 293 -9.24 49.37 -5.59
N ILE A 294 -9.20 48.28 -6.35
CA ILE A 294 -9.08 46.97 -5.73
C ILE A 294 -7.73 46.32 -6.03
N LEU A 295 -7.10 45.76 -4.99
CA LEU A 295 -5.86 45.01 -5.19
C LEU A 295 -6.07 43.81 -6.10
N VAL A 296 -5.14 43.58 -7.04
CA VAL A 296 -5.24 42.47 -7.96
C VAL A 296 -5.14 41.11 -7.20
N PRO A 297 -5.99 40.14 -7.54
CA PRO A 297 -5.82 38.79 -7.00
C PRO A 297 -4.69 38.04 -7.70
N ALA A 298 -4.11 37.01 -7.06
CA ALA A 298 -2.94 36.36 -7.67
C ALA A 298 -3.20 35.86 -9.11
N THR A 299 -4.42 35.40 -9.36
CA THR A 299 -4.80 34.90 -10.70
C THR A 299 -4.52 35.89 -11.83
N LEU A 300 -4.68 37.17 -11.55
CA LEU A 300 -4.61 38.21 -12.58
C LEU A 300 -3.33 39.03 -12.43
N SER A 301 -2.38 38.51 -11.67
CA SER A 301 -1.12 39.23 -11.45
C SER A 301 0.03 38.62 -12.26
N LYS A 302 0.61 39.41 -13.15
CA LYS A 302 1.76 38.95 -13.92
C LYS A 302 2.96 38.80 -12.99
N LYS A 303 2.98 39.64 -11.96
CA LYS A 303 4.07 39.57 -11.00
C LYS A 303 4.08 38.22 -10.30
N VAL A 304 2.90 37.68 -10.03
CA VAL A 304 2.85 36.39 -9.33
C VAL A 304 2.94 35.23 -10.34
N MET A 305 2.20 35.34 -11.44
CA MET A 305 2.07 34.21 -12.36
C MET A 305 3.32 34.06 -13.21
N THR A 306 3.89 35.18 -13.68
CA THR A 306 5.06 35.11 -14.53
C THR A 306 6.34 35.33 -13.74
N GLY A 307 6.41 36.42 -12.97
CA GLY A 307 7.62 36.74 -12.23
C GLY A 307 7.95 35.68 -11.19
N LEU A 308 6.97 35.29 -10.38
CA LEU A 308 7.23 34.36 -9.28
C LEU A 308 7.11 32.89 -9.74
N LEU A 309 5.94 32.49 -10.21
CA LEU A 309 5.75 31.05 -10.47
C LEU A 309 6.57 30.56 -11.67
N ARG A 310 6.43 31.24 -12.80
CA ARG A 310 7.11 30.86 -14.05
C ARG A 310 8.62 31.09 -13.95
N GLN A 311 9.06 32.28 -13.54
CA GLN A 311 10.48 32.58 -13.61
C GLN A 311 11.26 32.18 -12.38
N GLU A 312 10.90 32.72 -11.22
CA GLU A 312 11.65 32.45 -10.02
C GLU A 312 11.54 30.97 -9.63
N MET A 313 10.33 30.41 -9.66
CA MET A 313 10.17 29.03 -9.21
C MET A 313 10.32 28.02 -10.33
N GLY A 314 10.43 28.52 -11.55
CA GLY A 314 10.85 27.71 -12.68
C GLY A 314 9.78 26.76 -13.16
N PHE A 315 8.52 27.05 -12.86
CA PHE A 315 7.43 26.18 -13.31
C PHE A 315 7.12 26.36 -14.79
N ASN A 316 7.35 25.32 -15.57
CA ASN A 316 7.02 25.39 -16.98
C ASN A 316 5.83 24.50 -17.38
N GLY A 317 5.07 24.03 -16.40
CA GLY A 317 3.89 23.23 -16.69
C GLY A 317 2.71 24.15 -16.93
N VAL A 318 1.50 23.60 -16.86
CA VAL A 318 0.28 24.34 -17.19
C VAL A 318 -0.28 25.07 -15.98
N ILE A 319 -0.42 26.38 -16.11
CA ILE A 319 -1.06 27.18 -15.06
C ILE A 319 -2.54 27.33 -15.41
N VAL A 320 -3.42 26.90 -14.50
CA VAL A 320 -4.87 27.00 -14.71
C VAL A 320 -5.43 27.97 -13.66
N THR A 321 -6.35 28.85 -14.05
CA THR A 321 -7.01 29.75 -13.09
C THR A 321 -7.93 28.94 -12.19
N ASN A 322 -8.15 29.40 -10.95
CA ASN A 322 -9.32 29.00 -10.20
C ASN A 322 -10.56 29.47 -10.98
N ALA A 323 -11.74 28.97 -10.63
CA ALA A 323 -12.95 29.25 -11.40
C ALA A 323 -13.21 30.74 -11.59
N LEU A 324 -13.30 31.18 -12.83
CA LEU A 324 -13.50 32.61 -13.12
C LEU A 324 -14.94 33.09 -12.89
N ASN A 325 -15.86 32.17 -12.60
CA ASN A 325 -17.23 32.59 -12.28
C ASN A 325 -17.42 32.93 -10.81
N MET A 326 -16.36 32.77 -10.02
CA MET A 326 -16.42 33.16 -8.61
C MET A 326 -16.89 34.61 -8.52
N LYS A 327 -17.87 34.87 -7.66
CA LYS A 327 -18.68 36.08 -7.77
C LYS A 327 -17.84 37.36 -7.72
N ALA A 328 -16.77 37.34 -6.94
CA ALA A 328 -15.96 38.54 -6.74
C ALA A 328 -15.13 38.85 -7.99
N ILE A 329 -14.70 37.82 -8.71
CA ILE A 329 -13.96 38.03 -9.95
C ILE A 329 -14.88 38.63 -11.00
N ALA A 330 -16.01 37.97 -11.19
CA ALA A 330 -17.03 38.42 -12.14
C ALA A 330 -17.49 39.85 -11.83
N ASP A 331 -17.66 40.17 -10.54
CA ASP A 331 -18.20 41.46 -10.16
C ASP A 331 -17.18 42.58 -10.23
N HIS A 332 -15.99 42.31 -9.71
CA HIS A 332 -14.95 43.32 -9.68
C HIS A 332 -14.28 43.48 -11.06
N PHE A 333 -14.11 42.37 -11.79
CA PHE A 333 -13.34 42.45 -13.03
C PHE A 333 -14.17 42.18 -14.28
N GLY A 334 -15.26 41.44 -14.14
CA GLY A 334 -16.00 40.92 -15.28
C GLY A 334 -15.36 39.63 -15.74
N GLN A 335 -16.19 38.62 -16.04
CA GLN A 335 -15.67 37.31 -16.40
C GLN A 335 -14.86 37.40 -17.68
N GLU A 336 -15.38 38.10 -18.68
CA GLU A 336 -14.68 38.21 -19.95
C GLU A 336 -13.33 38.94 -19.80
N GLU A 337 -13.34 40.10 -19.16
CA GLU A 337 -12.09 40.83 -19.00
C GLU A 337 -11.07 40.07 -18.12
N ALA A 338 -11.55 39.31 -17.15
CA ALA A 338 -10.67 38.47 -16.30
C ALA A 338 -9.94 37.41 -17.09
N VAL A 339 -10.59 36.87 -18.13
CA VAL A 339 -9.93 35.89 -18.98
C VAL A 339 -8.74 36.55 -19.64
N VAL A 340 -8.98 37.70 -20.26
CA VAL A 340 -7.91 38.45 -20.91
C VAL A 340 -6.80 38.80 -19.90
N MET A 341 -7.16 39.27 -18.72
CA MET A 341 -6.13 39.65 -17.72
C MET A 341 -5.33 38.46 -17.20
N ALA A 342 -5.99 37.32 -17.04
CA ALA A 342 -5.31 36.12 -16.55
C ALA A 342 -4.34 35.63 -17.60
N VAL A 343 -4.79 35.61 -18.86
CA VAL A 343 -3.88 35.22 -19.95
C VAL A 343 -2.70 36.18 -20.05
N LYS A 344 -3.00 37.48 -19.98
CA LYS A 344 -1.90 38.45 -19.99
C LYS A 344 -0.92 38.20 -18.82
N ALA A 345 -1.43 37.80 -17.66
CA ALA A 345 -0.58 37.57 -16.49
C ALA A 345 0.31 36.34 -16.66
N GLY A 346 -0.06 35.46 -17.61
CA GLY A 346 0.73 34.31 -17.95
C GLY A 346 0.04 32.96 -17.72
N VAL A 347 -1.25 32.97 -17.46
CA VAL A 347 -1.91 31.67 -17.27
C VAL A 347 -2.13 31.00 -18.64
N ASP A 348 -2.27 29.66 -18.63
CA ASP A 348 -2.38 28.88 -19.87
C ASP A 348 -3.83 28.47 -20.11
N ILE A 349 -4.57 28.21 -19.03
CA ILE A 349 -5.96 27.80 -19.16
C ILE A 349 -6.85 28.68 -18.33
N ALA A 350 -7.84 29.29 -18.95
CA ALA A 350 -8.89 29.99 -18.22
C ALA A 350 -10.02 29.01 -17.89
N LEU A 351 -10.22 28.75 -16.59
CA LEU A 351 -11.28 27.84 -16.16
C LEU A 351 -12.62 28.56 -16.08
N MET A 352 -13.66 27.92 -16.58
CA MET A 352 -14.99 28.52 -16.57
C MET A 352 -14.96 30.00 -16.96
N PRO A 353 -14.55 30.26 -18.20
CA PRO A 353 -14.40 31.61 -18.73
C PRO A 353 -15.72 32.29 -19.10
N ALA A 354 -16.81 31.52 -19.12
CA ALA A 354 -18.12 32.06 -19.41
C ALA A 354 -19.17 31.05 -19.02
N SER A 355 -20.29 31.53 -18.48
CA SER A 355 -21.34 30.63 -18.01
C SER A 355 -22.45 30.54 -19.06
N VAL A 356 -22.42 29.45 -19.82
CA VAL A 356 -23.34 29.25 -20.92
C VAL A 356 -24.18 28.02 -20.61
N THR A 357 -25.49 28.23 -20.45
CA THR A 357 -26.40 27.13 -20.10
C THR A 357 -27.46 26.89 -21.19
N SER A 358 -27.41 27.67 -22.27
CA SER A 358 -28.26 27.38 -23.43
C SER A 358 -27.69 28.02 -24.69
N LEU A 359 -28.25 27.66 -25.82
CA LEU A 359 -27.85 28.26 -27.08
C LEU A 359 -28.17 29.74 -27.15
N LYS A 360 -29.08 30.23 -26.29
CA LYS A 360 -29.42 31.64 -26.30
C LYS A 360 -28.27 32.51 -25.87
N GLU A 361 -27.28 31.91 -25.20
CA GLU A 361 -26.16 32.71 -24.70
C GLU A 361 -24.81 32.18 -25.13
N GLU A 362 -24.81 31.39 -26.21
CA GLU A 362 -23.61 30.82 -26.83
C GLU A 362 -22.57 31.89 -27.19
N GLN A 363 -23.04 33.07 -27.58
CA GLN A 363 -22.12 34.10 -28.04
C GLN A 363 -21.20 34.60 -26.95
N LYS A 364 -21.50 34.22 -25.71
CA LYS A 364 -20.57 34.49 -24.62
C LYS A 364 -19.21 33.89 -24.95
N PHE A 365 -19.21 32.70 -25.53
CA PHE A 365 -17.95 32.06 -25.92
C PHE A 365 -17.28 32.85 -27.05
N ALA A 366 -18.04 33.28 -28.05
CA ALA A 366 -17.49 34.02 -29.17
C ALA A 366 -16.89 35.33 -28.68
N ARG A 367 -17.52 35.94 -27.69
CA ARG A 367 -17.07 37.24 -27.20
C ARG A 367 -15.79 37.10 -26.40
N VAL A 368 -15.65 35.98 -25.69
CA VAL A 368 -14.40 35.73 -24.94
C VAL A 368 -13.24 35.56 -25.88
N ILE A 369 -13.44 34.72 -26.89
CA ILE A 369 -12.46 34.54 -27.95
C ILE A 369 -12.11 35.86 -28.60
N GLN A 370 -13.14 36.66 -28.87
CA GLN A 370 -12.93 37.93 -29.55
C GLN A 370 -12.09 38.89 -28.71
N ALA A 371 -12.32 38.91 -27.40
CA ALA A 371 -11.56 39.77 -26.51
C ALA A 371 -10.07 39.37 -26.52
N LEU A 372 -9.83 38.07 -26.56
CA LEU A 372 -8.46 37.57 -26.62
C LEU A 372 -7.83 37.96 -27.98
N LYS A 373 -8.60 37.85 -29.06
CA LYS A 373 -8.13 38.26 -30.38
C LYS A 373 -7.78 39.75 -30.43
N GLU A 374 -8.61 40.57 -29.80
CA GLU A 374 -8.37 42.02 -29.76
C GLU A 374 -7.10 42.29 -29.00
N ALA A 375 -6.87 41.53 -27.93
CA ALA A 375 -5.66 41.75 -27.14
C ALA A 375 -4.40 41.35 -27.91
N VAL A 376 -4.48 40.28 -28.66
CA VAL A 376 -3.37 39.93 -29.53
C VAL A 376 -3.21 40.98 -30.64
N LYS A 377 -4.30 41.36 -31.29
CA LYS A 377 -4.28 42.32 -32.38
C LYS A 377 -3.65 43.65 -31.96
N ASN A 378 -3.98 44.13 -30.77
CA ASN A 378 -3.46 45.44 -30.38
C ASN A 378 -2.14 45.36 -29.61
N GLY A 379 -1.64 44.14 -29.38
CA GLY A 379 -0.32 43.95 -28.80
C GLY A 379 -0.31 43.79 -27.29
N ASP A 380 -1.50 43.79 -26.68
CA ASP A 380 -1.60 43.58 -25.23
C ASP A 380 -1.06 42.21 -24.83
N ILE A 381 -1.31 41.21 -25.65
CA ILE A 381 -0.79 39.88 -25.43
C ILE A 381 0.03 39.46 -26.65
N PRO A 382 1.36 39.32 -26.49
CA PRO A 382 2.15 38.91 -27.65
C PRO A 382 1.69 37.56 -28.17
N GLU A 383 1.63 37.40 -29.49
CA GLU A 383 1.14 36.16 -30.06
C GLU A 383 2.01 34.98 -29.64
N GLN A 384 3.30 35.23 -29.49
CA GLN A 384 4.19 34.16 -29.08
C GLN A 384 3.87 33.65 -27.68
N GLN A 385 3.31 34.52 -26.84
CA GLN A 385 2.93 34.10 -25.50
C GLN A 385 1.80 33.06 -25.59
N ILE A 386 0.86 33.30 -26.50
CA ILE A 386 -0.22 32.37 -26.75
C ILE A 386 0.31 31.03 -27.26
N ASN A 387 1.22 31.08 -28.25
CA ASN A 387 1.82 29.86 -28.79
C ASN A 387 2.53 29.07 -27.69
N ASN A 388 3.30 29.76 -26.87
CA ASN A 388 3.95 29.09 -25.75
C ASN A 388 2.95 28.43 -24.77
N SER A 389 1.81 29.08 -24.53
CA SER A 389 0.83 28.52 -23.60
C SER A 389 0.20 27.26 -24.19
N VAL A 390 -0.15 27.31 -25.47
CA VAL A 390 -0.83 26.17 -26.09
C VAL A 390 0.16 25.00 -26.22
N GLU A 391 1.42 25.30 -26.45
CA GLU A 391 2.43 24.23 -26.41
C GLU A 391 2.48 23.54 -25.05
N ARG A 392 2.34 24.30 -23.97
CA ARG A 392 2.36 23.68 -22.63
C ARG A 392 1.17 22.72 -22.51
N ILE A 393 0.01 23.16 -22.99
CA ILE A 393 -1.21 22.34 -22.93
C ILE A 393 -1.04 21.07 -23.76
N ILE A 394 -0.56 21.21 -24.99
CA ILE A 394 -0.43 20.05 -25.88
C ILE A 394 0.64 19.10 -25.33
N SER A 395 1.74 19.64 -24.85
CA SER A 395 2.78 18.78 -24.26
C SER A 395 2.23 17.95 -23.09
N LEU A 396 1.40 18.56 -22.24
CA LEU A 396 0.78 17.85 -21.14
C LEU A 396 -0.19 16.75 -21.65
N LYS A 397 -0.99 17.07 -22.67
CA LYS A 397 -1.89 16.05 -23.23
C LYS A 397 -1.13 14.85 -23.77
N ILE A 398 0.02 15.10 -24.40
CA ILE A 398 0.88 14.03 -24.92
C ILE A 398 1.52 13.26 -23.78
N LYS A 399 2.08 14.00 -22.83
CA LYS A 399 2.77 13.39 -21.70
C LYS A 399 1.87 12.41 -20.93
N ARG A 400 0.60 12.78 -20.73
CA ARG A 400 -0.30 11.94 -19.95
C ARG A 400 -1.11 10.95 -20.81
N GLY A 401 -0.70 10.79 -22.07
CA GLY A 401 -1.34 9.83 -22.95
C GLY A 401 -2.76 10.19 -23.37
N MET A 402 -3.10 11.48 -23.34
CA MET A 402 -4.41 11.96 -23.80
C MET A 402 -4.44 12.03 -25.32
N TYR A 403 -3.28 12.29 -25.91
CA TYR A 403 -3.13 12.52 -27.34
C TYR A 403 -1.88 11.76 -27.76
N PRO A 404 -1.94 11.03 -28.89
CA PRO A 404 -3.16 10.82 -29.69
C PRO A 404 -4.03 9.75 -29.03
N ALA A 405 -5.32 9.78 -29.31
CA ALA A 405 -6.20 8.74 -28.77
C ALA A 405 -6.31 7.57 -29.74
N ARG A 406 -5.93 6.37 -29.29
CA ARG A 406 -5.98 5.20 -30.15
C ARG A 406 -6.74 4.05 -29.52
N ASN A 407 -7.58 4.36 -28.53
CA ASN A 407 -8.36 3.34 -27.84
C ASN A 407 -9.48 2.75 -28.70
N SER A 408 -9.43 1.44 -28.93
CA SER A 408 -10.40 0.78 -29.79
C SER A 408 -11.59 0.14 -29.03
N ASP A 409 -11.62 0.23 -27.70
CA ASP A 409 -12.76 -0.30 -26.93
C ASP A 409 -14.03 0.49 -27.25
N SER A 410 -15.16 -0.21 -27.36
CA SER A 410 -16.42 0.48 -27.54
C SER A 410 -16.79 1.12 -26.18
N THR A 411 -17.80 1.97 -26.19
CA THR A 411 -18.28 2.56 -24.95
C THR A 411 -18.75 1.48 -23.97
N LYS A 412 -19.51 0.53 -24.49
CA LYS A 412 -19.99 -0.61 -23.71
C LYS A 412 -18.86 -1.33 -23.00
N GLU A 413 -17.80 -1.60 -23.75
CA GLU A 413 -16.60 -2.27 -23.23
C GLU A 413 -15.88 -1.45 -22.14
N LYS A 414 -15.82 -0.12 -22.32
CA LYS A 414 -15.20 0.74 -21.31
C LYS A 414 -16.06 0.77 -20.07
N ILE A 415 -17.37 0.75 -20.28
CA ILE A 415 -18.30 0.73 -19.15
C ILE A 415 -18.14 -0.53 -18.31
N ALA A 416 -18.01 -1.68 -18.97
CA ALA A 416 -17.81 -2.93 -18.24
C ALA A 416 -16.48 -2.93 -17.48
N LYS A 417 -15.44 -2.43 -18.14
CA LYS A 417 -14.15 -2.31 -17.46
C LYS A 417 -14.24 -1.38 -16.24
N ALA A 418 -14.92 -0.25 -16.38
CA ALA A 418 -14.99 0.72 -15.26
C ALA A 418 -15.82 0.21 -14.09
N LYS A 419 -16.85 -0.58 -14.38
CA LYS A 419 -17.65 -1.16 -13.32
C LYS A 419 -16.86 -2.10 -12.41
N LYS A 420 -15.78 -2.68 -12.92
CA LYS A 420 -14.96 -3.55 -12.09
C LYS A 420 -14.02 -2.78 -11.19
N ILE A 421 -13.76 -1.52 -11.57
CA ILE A 421 -12.70 -0.71 -10.94
C ILE A 421 -13.26 0.32 -9.97
N VAL A 422 -14.27 1.04 -10.41
CA VAL A 422 -14.74 2.21 -9.67
C VAL A 422 -15.57 1.81 -8.45
N GLY A 423 -15.11 2.23 -7.27
CA GLY A 423 -15.77 1.81 -6.04
C GLY A 423 -15.66 0.31 -5.78
N SER A 424 -14.66 -0.33 -6.36
CA SER A 424 -14.42 -1.76 -6.11
C SER A 424 -14.24 -2.03 -4.62
N LYS A 425 -14.48 -3.25 -4.17
CA LYS A 425 -14.35 -3.56 -2.75
C LYS A 425 -12.89 -3.46 -2.30
N GLN A 426 -11.96 -3.71 -3.23
CA GLN A 426 -10.54 -3.53 -2.95
C GLN A 426 -10.24 -2.06 -2.59
N HIS A 427 -10.86 -1.14 -3.32
CA HIS A 427 -10.66 0.29 -3.06
C HIS A 427 -11.33 0.71 -1.75
N LEU A 428 -12.52 0.16 -1.50
CA LEU A 428 -13.25 0.46 -0.28
C LEU A 428 -12.51 -0.09 0.96
N LYS A 429 -11.80 -1.20 0.79
CA LYS A 429 -11.02 -1.75 1.89
C LYS A 429 -9.85 -0.82 2.23
N ALA A 430 -9.20 -0.31 1.19
CA ALA A 430 -8.12 0.67 1.36
C ALA A 430 -8.65 1.91 2.06
N GLU A 431 -9.80 2.38 1.62
CA GLU A 431 -10.42 3.55 2.25
C GLU A 431 -10.64 3.33 3.72
N LYS A 432 -11.21 2.17 4.06
CA LYS A 432 -11.53 1.82 5.44
C LYS A 432 -10.28 1.80 6.32
N LYS A 433 -9.23 1.15 5.82
CA LYS A 433 -8.00 0.97 6.59
C LYS A 433 -7.29 2.29 6.73
N LEU A 434 -7.39 3.15 5.73
CA LEU A 434 -6.76 4.46 5.85
C LEU A 434 -7.50 5.32 6.88
N ALA A 435 -8.84 5.32 6.78
CA ALA A 435 -9.66 6.10 7.69
C ALA A 435 -9.47 5.63 9.13
N GLU A 436 -9.41 4.32 9.33
CA GLU A 436 -9.21 3.77 10.65
C GLU A 436 -7.81 4.10 11.15
N LYS A 437 -6.81 4.02 10.26
CA LYS A 437 -5.45 4.37 10.66
C LYS A 437 -5.31 5.82 11.14
N ALA A 438 -6.12 6.70 10.55
CA ALA A 438 -5.97 8.16 10.76
C ALA A 438 -6.56 8.64 12.07
N VAL A 439 -7.47 7.83 12.60
CA VAL A 439 -8.17 8.18 13.85
C VAL A 439 -7.11 8.47 14.91
N THR A 440 -7.23 9.60 15.57
CA THR A 440 -6.18 10.07 16.46
C THR A 440 -6.73 10.09 17.87
N VAL A 441 -6.08 9.34 18.76
CA VAL A 441 -6.50 9.24 20.15
C VAL A 441 -5.75 10.29 20.96
N LEU A 442 -6.49 11.24 21.53
CA LEU A 442 -5.88 12.33 22.30
C LEU A 442 -5.93 12.07 23.80
N LYS A 443 -6.96 11.37 24.27
CA LYS A 443 -7.03 10.96 25.67
C LYS A 443 -7.64 9.58 25.75
N ASN A 444 -7.09 8.74 26.60
CA ASN A 444 -7.80 7.50 26.99
C ASN A 444 -7.41 7.14 28.40
N GLU A 445 -7.93 7.86 29.38
CA GLU A 445 -7.55 7.61 30.76
C GLU A 445 -8.40 6.49 31.31
N GLN A 446 -7.83 5.76 32.26
CA GLN A 446 -8.55 4.71 32.99
C GLN A 446 -9.05 3.59 32.08
N HIS A 447 -8.39 3.43 30.93
CA HIS A 447 -8.83 2.48 29.91
C HIS A 447 -10.30 2.59 29.59
N THR A 448 -10.77 3.82 29.45
CA THR A 448 -12.14 4.08 29.09
C THR A 448 -12.47 3.41 27.75
N LEU A 449 -11.58 3.58 26.77
CA LEU A 449 -11.71 2.87 25.49
C LEU A 449 -10.80 1.64 25.46
N PRO A 450 -11.17 0.62 24.67
CA PRO A 450 -12.45 0.34 24.00
C PRO A 450 -13.67 0.17 24.93
N PHE A 451 -14.85 0.56 24.45
CA PHE A 451 -16.09 0.13 25.05
C PHE A 451 -16.30 -1.37 24.82
N LYS A 452 -16.62 -2.09 25.89
CA LYS A 452 -16.91 -3.54 25.78
C LYS A 452 -18.22 -3.82 26.42
N PRO A 453 -19.34 -3.38 25.81
CA PRO A 453 -20.60 -3.41 26.55
C PRO A 453 -21.12 -4.81 26.78
N LYS A 454 -21.72 -5.03 27.94
CA LYS A 454 -22.39 -6.29 28.16
C LYS A 454 -23.75 -6.25 27.46
N LYS A 455 -24.35 -7.42 27.25
CA LYS A 455 -25.62 -7.53 26.55
C LYS A 455 -26.63 -6.68 27.31
N GLY A 456 -27.44 -5.90 26.59
CA GLY A 456 -28.49 -5.12 27.21
C GLY A 456 -28.05 -3.71 27.59
N SER A 457 -26.79 -3.37 27.34
CA SER A 457 -26.31 -2.02 27.62
C SER A 457 -27.08 -1.01 26.78
N ARG A 458 -27.23 0.20 27.31
CA ARG A 458 -27.77 1.29 26.51
C ARG A 458 -26.67 2.25 26.15
N ILE A 459 -26.49 2.45 24.85
CA ILE A 459 -25.53 3.41 24.32
C ILE A 459 -26.30 4.65 23.90
N LEU A 460 -25.91 5.79 24.43
CA LEU A 460 -26.47 7.05 23.97
C LEU A 460 -25.54 7.66 22.94
N ILE A 461 -26.09 7.96 21.77
CA ILE A 461 -25.32 8.45 20.65
C ILE A 461 -25.72 9.90 20.42
N VAL A 462 -24.77 10.83 20.56
CA VAL A 462 -25.15 12.22 20.42
C VAL A 462 -24.27 12.98 19.43
N ALA A 463 -24.90 13.70 18.52
CA ALA A 463 -24.20 14.41 17.44
C ALA A 463 -25.07 15.55 16.93
N PRO A 464 -24.47 16.52 16.20
CA PRO A 464 -25.30 17.65 15.79
C PRO A 464 -26.50 17.26 14.89
N TYR A 465 -26.34 16.31 13.94
CA TYR A 465 -27.41 15.99 12.97
C TYR A 465 -27.86 14.52 12.91
N GLU A 466 -29.08 14.27 12.44
CA GLU A 466 -29.58 12.90 12.33
C GLU A 466 -28.69 12.05 11.42
N GLU A 467 -28.13 12.66 10.38
CA GLU A 467 -27.25 11.91 9.50
C GLU A 467 -25.99 11.43 10.24
N GLN A 468 -25.51 12.21 11.19
CA GLN A 468 -24.30 11.82 11.95
C GLN A 468 -24.62 10.75 13.01
N THR A 469 -25.71 10.92 13.75
CA THR A 469 -26.12 9.90 14.71
C THR A 469 -26.50 8.59 13.98
N ALA A 470 -27.04 8.70 12.77
CA ALA A 470 -27.41 7.52 11.98
C ALA A 470 -26.18 6.74 11.53
N SER A 471 -25.11 7.48 11.24
CA SER A 471 -23.89 6.84 10.81
C SER A 471 -23.26 6.05 11.95
N ILE A 472 -23.30 6.62 13.14
CA ILE A 472 -22.81 5.93 14.34
C ILE A 472 -23.70 4.73 14.65
N GLU A 473 -25.01 4.95 14.57
CA GLU A 473 -25.97 3.90 14.87
C GLU A 473 -25.85 2.74 13.91
N GLN A 474 -25.71 3.06 12.63
CA GLN A 474 -25.61 2.03 11.61
C GLN A 474 -24.32 1.25 11.78
N THR A 475 -23.23 1.93 12.13
CA THR A 475 -21.97 1.23 12.37
C THR A 475 -22.05 0.22 13.53
N ILE A 476 -22.68 0.64 14.62
CA ILE A 476 -22.86 -0.23 15.76
C ILE A 476 -23.79 -1.41 15.42
N HIS A 477 -24.87 -1.13 14.70
CA HIS A 477 -25.78 -2.18 14.26
C HIS A 477 -25.06 -3.30 13.49
N ASP A 478 -24.17 -2.92 12.58
CA ASP A 478 -23.37 -3.86 11.78
C ASP A 478 -22.44 -4.69 12.65
N LEU A 479 -21.82 -4.06 13.65
CA LEU A 479 -20.99 -4.80 14.60
C LEU A 479 -21.85 -5.84 15.35
N ILE A 480 -23.10 -5.50 15.66
CA ILE A 480 -23.96 -6.46 16.35
C ILE A 480 -24.31 -7.67 15.46
N LYS A 481 -24.73 -7.39 14.22
CA LYS A 481 -25.06 -8.46 13.28
C LYS A 481 -23.83 -9.30 12.96
N ARG A 482 -22.65 -8.69 12.98
CA ARG A 482 -21.42 -9.42 12.73
C ARG A 482 -20.91 -10.08 14.00
N LYS A 483 -21.69 -9.95 15.07
CA LYS A 483 -21.37 -10.57 16.35
C LYS A 483 -20.03 -10.16 16.92
N LYS A 484 -19.62 -8.94 16.60
CA LYS A 484 -18.39 -8.37 17.13
C LYS A 484 -18.63 -7.76 18.50
N ILE A 485 -19.84 -7.25 18.70
CA ILE A 485 -20.27 -6.86 20.04
C ILE A 485 -21.63 -7.47 20.35
N LYS A 486 -21.93 -7.59 21.63
CA LYS A 486 -23.21 -8.11 22.09
C LYS A 486 -24.34 -7.13 21.76
N PRO A 487 -25.57 -7.64 21.66
CA PRO A 487 -26.75 -6.80 21.40
C PRO A 487 -26.89 -5.70 22.46
N VAL A 488 -26.99 -4.45 22.00
CA VAL A 488 -27.17 -3.30 22.89
C VAL A 488 -28.31 -2.43 22.41
N SER A 489 -28.90 -1.64 23.32
CA SER A 489 -29.92 -0.71 22.87
C SER A 489 -29.26 0.63 22.55
N LEU A 490 -29.90 1.39 21.70
CA LEU A 490 -29.33 2.64 21.20
C LEU A 490 -30.34 3.74 21.33
N SER A 491 -29.89 4.91 21.74
CA SER A 491 -30.75 6.08 21.70
C SER A 491 -29.98 7.23 21.07
N LYS A 492 -30.68 8.05 20.29
CA LYS A 492 -30.00 9.12 19.57
C LYS A 492 -30.44 10.45 20.10
N MET A 493 -29.52 11.41 20.10
CA MET A 493 -29.77 12.78 20.53
C MET A 493 -29.06 13.71 19.56
N ASN A 494 -29.86 14.42 18.78
CA ASN A 494 -29.36 15.34 17.75
C ASN A 494 -29.39 16.74 18.31
N PHE A 495 -28.22 17.39 18.42
CA PHE A 495 -28.21 18.59 19.23
C PHE A 495 -28.02 19.94 18.53
N ALA A 496 -27.99 19.96 17.20
CA ALA A 496 -27.88 21.27 16.54
C ALA A 496 -28.99 22.24 16.97
N SER A 497 -28.60 23.45 17.34
CA SER A 497 -29.52 24.49 17.80
C SER A 497 -30.24 24.16 19.14
N GLN A 498 -29.74 23.19 19.91
CA GLN A 498 -30.44 22.78 21.13
C GLN A 498 -29.75 23.24 22.41
N VAL A 499 -30.46 23.13 23.53
CA VAL A 499 -29.86 23.30 24.86
C VAL A 499 -29.96 22.07 25.71
N PHE A 500 -28.88 21.73 26.40
CA PHE A 500 -28.91 20.62 27.34
C PHE A 500 -29.71 21.01 28.60
N LYS A 501 -30.79 20.31 28.87
CA LYS A 501 -31.62 20.58 30.06
C LYS A 501 -31.97 19.28 30.79
N THR A 502 -33.00 19.30 31.64
CA THR A 502 -33.27 18.16 32.51
C THR A 502 -33.64 16.86 31.74
N GLU A 503 -34.32 16.99 30.60
CA GLU A 503 -34.69 15.82 29.78
C GLU A 503 -33.47 15.15 29.16
N HIS A 504 -32.44 15.94 28.91
CA HIS A 504 -31.21 15.41 28.36
C HIS A 504 -30.39 14.74 29.43
N GLU A 505 -30.37 15.33 30.62
CA GLU A 505 -29.62 14.76 31.71
C GLU A 505 -30.22 13.42 32.10
N LYS A 506 -31.54 13.32 31.98
CA LYS A 506 -32.22 12.07 32.25
C LYS A 506 -31.73 10.98 31.31
N GLN A 507 -31.56 11.32 30.03
CA GLN A 507 -31.03 10.38 29.06
C GLN A 507 -29.60 9.97 29.39
N VAL A 508 -28.80 10.92 29.87
CA VAL A 508 -27.41 10.62 30.22
C VAL A 508 -27.37 9.68 31.42
N LYS A 509 -28.22 9.94 32.40
CA LYS A 509 -28.30 9.12 33.60
C LYS A 509 -28.69 7.69 33.29
N GLU A 510 -29.56 7.51 32.32
CA GLU A 510 -30.07 6.18 31.99
C GLU A 510 -29.10 5.39 31.10
N ALA A 511 -28.12 6.06 30.51
CA ALA A 511 -27.21 5.40 29.57
C ALA A 511 -26.16 4.60 30.33
N ASP A 512 -25.57 3.62 29.66
CA ASP A 512 -24.42 2.90 30.21
C ASP A 512 -23.14 3.33 29.51
N TYR A 513 -23.26 3.77 28.26
CA TYR A 513 -22.13 4.31 27.48
C TYR A 513 -22.58 5.50 26.66
N ILE A 514 -21.73 6.51 26.56
CA ILE A 514 -22.09 7.70 25.79
C ILE A 514 -21.05 8.01 24.73
N ILE A 515 -21.47 8.15 23.48
CA ILE A 515 -20.61 8.57 22.41
C ILE A 515 -21.10 9.93 21.90
N THR A 516 -20.24 10.94 22.01
CA THR A 516 -20.63 12.28 21.57
C THR A 516 -19.71 12.81 20.47
N GLY A 517 -20.32 13.31 19.39
CA GLY A 517 -19.56 13.92 18.32
C GLY A 517 -19.64 15.45 18.37
N SER A 518 -18.49 16.09 18.17
CA SER A 518 -18.39 17.56 18.18
C SER A 518 -17.92 18.06 16.83
N TYR A 519 -18.53 19.16 16.36
CA TYR A 519 -18.25 19.74 15.06
C TYR A 519 -17.97 21.23 15.25
N VAL A 520 -16.75 21.65 14.94
CA VAL A 520 -16.42 23.06 14.79
C VAL A 520 -15.64 23.29 13.52
N VAL A 521 -15.75 24.52 13.01
CA VAL A 521 -14.84 25.04 12.02
C VAL A 521 -13.75 25.79 12.79
N LYS A 522 -14.08 26.99 13.24
CA LYS A 522 -13.28 27.68 14.25
C LYS A 522 -13.78 27.26 15.60
N ASN A 523 -12.88 26.91 16.51
CA ASN A 523 -13.28 26.61 17.87
C ASN A 523 -13.58 27.89 18.63
N ASP A 524 -14.86 28.15 18.95
CA ASP A 524 -15.23 29.45 19.52
C ASP A 524 -16.03 29.44 20.85
N PRO A 525 -15.56 28.70 21.86
CA PRO A 525 -16.31 28.77 23.13
C PRO A 525 -16.16 30.15 23.78
N VAL A 526 -17.15 30.57 24.59
CA VAL A 526 -16.97 31.75 25.45
C VAL A 526 -16.05 31.31 26.58
N VAL A 527 -14.94 32.03 26.72
CA VAL A 527 -13.90 31.74 27.74
C VAL A 527 -13.53 33.01 28.45
N ASN A 528 -13.40 32.94 29.76
CA ASN A 528 -13.02 34.13 30.46
C ASN A 528 -11.85 33.89 31.38
N ASP A 529 -10.81 34.67 31.15
CA ASP A 529 -9.53 34.51 31.81
C ASP A 529 -9.13 33.04 31.86
N GLY A 530 -9.31 32.33 30.75
CA GLY A 530 -8.97 30.92 30.71
C GLY A 530 -9.96 29.95 31.35
N VAL A 531 -11.22 30.36 31.53
CA VAL A 531 -12.26 29.49 32.10
C VAL A 531 -13.42 29.45 31.11
N ILE A 532 -13.76 28.25 30.66
CA ILE A 532 -14.83 28.08 29.68
C ILE A 532 -16.22 28.27 30.32
N ASP A 533 -17.07 29.07 29.68
CA ASP A 533 -18.37 29.41 30.23
C ASP A 533 -19.40 28.30 29.98
N ASP A 534 -19.87 27.72 31.06
CA ASP A 534 -20.88 26.67 30.97
C ASP A 534 -22.29 27.19 31.30
N THR A 535 -22.43 28.49 31.54
CA THR A 535 -23.71 29.03 32.02
C THR A 535 -24.67 29.52 30.94
N ILE A 536 -24.27 29.35 29.68
CA ILE A 536 -25.06 29.80 28.55
C ILE A 536 -26.19 28.82 28.29
N SER A 537 -27.41 29.26 28.56
CA SER A 537 -28.51 28.30 28.64
C SER A 537 -29.64 28.60 27.65
N ASP A 538 -29.35 29.34 26.60
CA ASP A 538 -30.40 29.75 25.68
C ASP A 538 -30.24 29.25 24.23
N SER A 539 -29.40 28.24 24.02
CA SER A 539 -29.20 27.65 22.68
C SER A 539 -28.07 28.31 21.88
N SER A 540 -27.71 29.54 22.24
CA SER A 540 -26.62 30.20 21.55
C SER A 540 -25.32 29.49 21.96
N LYS A 541 -24.37 29.39 21.05
CA LYS A 541 -23.11 28.72 21.33
C LYS A 541 -23.26 27.20 21.51
N TRP A 542 -24.35 26.63 21.00
CA TRP A 542 -24.53 25.19 21.12
C TRP A 542 -23.39 24.32 20.63
N ALA A 543 -22.65 24.72 19.60
CA ALA A 543 -21.62 23.84 19.03
C ALA A 543 -20.54 23.46 20.06
N THR A 544 -20.36 24.31 21.07
CA THR A 544 -19.39 23.98 22.10
C THR A 544 -20.05 23.75 23.44
N VAL A 545 -21.15 24.45 23.70
CA VAL A 545 -21.76 24.39 25.02
C VAL A 545 -22.44 23.04 25.22
N PHE A 546 -23.17 22.60 24.22
CA PHE A 546 -23.91 21.35 24.33
C PHE A 546 -23.05 20.09 24.59
N PRO A 547 -22.04 19.84 23.77
CA PRO A 547 -21.26 18.62 24.06
C PRO A 547 -20.59 18.68 25.42
N ARG A 548 -20.12 19.85 25.83
CA ARG A 548 -19.49 20.00 27.14
C ARG A 548 -20.49 19.66 28.22
N ALA A 549 -21.75 20.03 28.01
CA ALA A 549 -22.77 19.75 28.99
C ALA A 549 -23.03 18.24 29.10
N VAL A 550 -22.98 17.56 27.96
CA VAL A 550 -23.14 16.11 27.97
C VAL A 550 -21.97 15.51 28.76
N MET A 551 -20.75 16.00 28.49
CA MET A 551 -19.56 15.54 29.21
C MET A 551 -19.72 15.72 30.73
N LYS A 552 -20.19 16.90 31.14
CA LYS A 552 -20.26 17.16 32.58
C LYS A 552 -21.26 16.24 33.26
N ALA A 553 -22.40 16.03 32.62
CA ALA A 553 -23.41 15.13 33.14
C ALA A 553 -22.86 13.72 33.24
N ALA A 554 -22.18 13.26 32.19
CA ALA A 554 -21.64 11.90 32.19
C ALA A 554 -20.65 11.69 33.32
N LEU A 555 -19.78 12.67 33.51
CA LEU A 555 -18.75 12.59 34.56
C LEU A 555 -19.41 12.64 35.93
N GLN A 556 -20.43 13.48 36.06
CA GLN A 556 -21.19 13.59 37.30
C GLN A 556 -21.86 12.26 37.63
N HIS A 557 -22.33 11.57 36.61
CA HIS A 557 -23.03 10.30 36.84
C HIS A 557 -22.17 9.07 36.63
N ASN A 558 -20.86 9.26 36.58
CA ASN A 558 -19.91 8.16 36.40
C ASN A 558 -20.14 7.28 35.17
N LYS A 559 -20.44 7.92 34.05
CA LYS A 559 -20.68 7.22 32.80
C LYS A 559 -19.48 7.25 31.87
N PRO A 560 -19.10 6.10 31.28
CA PRO A 560 -18.07 6.10 30.23
C PRO A 560 -18.50 7.00 29.10
N PHE A 561 -17.64 7.93 28.73
CA PHE A 561 -17.96 9.01 27.81
C PHE A 561 -16.78 9.19 26.87
N VAL A 562 -17.06 9.23 25.58
CA VAL A 562 -16.01 9.53 24.63
C VAL A 562 -16.45 10.66 23.72
N LEU A 563 -15.58 11.65 23.53
CA LEU A 563 -15.84 12.73 22.59
C LEU A 563 -15.10 12.46 21.30
N MET A 564 -15.83 12.56 20.19
CA MET A 564 -15.26 12.36 18.86
C MET A 564 -15.32 13.65 18.08
N SER A 565 -14.15 14.22 17.80
CA SER A 565 -14.10 15.47 17.02
C SER A 565 -14.27 15.16 15.53
N LEU A 566 -15.23 15.83 14.89
CA LEU A 566 -15.76 15.50 13.57
C LEU A 566 -15.20 16.30 12.40
N ARG A 567 -14.84 17.55 12.62
CA ARG A 567 -14.26 18.34 11.53
C ARG A 567 -12.86 18.80 11.93
N ASN A 568 -12.70 20.10 12.20
CA ASN A 568 -11.42 20.59 12.68
C ASN A 568 -11.21 20.14 14.10
N PRO A 569 -10.00 19.63 14.41
CA PRO A 569 -9.80 19.01 15.71
C PRO A 569 -9.59 20.02 16.86
N TYR A 570 -9.74 21.32 16.59
CA TYR A 570 -9.44 22.32 17.62
C TYR A 570 -10.38 22.20 18.81
N ASP A 571 -11.53 21.56 18.59
CA ASP A 571 -12.51 21.41 19.67
C ASP A 571 -12.06 20.44 20.77
N ALA A 572 -11.01 19.67 20.49
CA ALA A 572 -10.39 18.85 21.53
C ALA A 572 -10.08 19.68 22.77
N ALA A 573 -9.77 20.95 22.55
CA ALA A 573 -9.39 21.84 23.65
C ALA A 573 -10.53 22.17 24.63
N ASN A 574 -11.75 21.76 24.27
CA ASN A 574 -12.95 22.02 25.06
C ASN A 574 -13.29 20.92 26.03
N PHE A 575 -12.47 19.89 26.06
CA PHE A 575 -12.85 18.68 26.77
C PHE A 575 -11.68 18.14 27.60
N GLU A 576 -10.95 19.01 28.26
CA GLU A 576 -9.84 18.58 29.12
C GLU A 576 -10.30 17.66 30.26
N GLU A 577 -11.54 17.82 30.70
CA GLU A 577 -12.08 17.00 31.79
C GLU A 577 -12.48 15.59 31.32
N ALA A 578 -12.55 15.37 30.01
CA ALA A 578 -12.98 14.08 29.48
C ALA A 578 -11.91 13.01 29.67
N LYS A 579 -12.34 11.75 29.79
CA LYS A 579 -11.39 10.67 29.94
C LYS A 579 -11.02 10.06 28.60
N ALA A 580 -11.88 10.26 27.60
CA ALA A 580 -11.63 9.66 26.28
C ALA A 580 -12.01 10.66 25.17
N LEU A 581 -11.08 10.82 24.22
CA LEU A 581 -11.18 11.90 23.24
C LEU A 581 -10.44 11.48 21.97
N ILE A 582 -11.13 11.49 20.85
CA ILE A 582 -10.48 11.16 19.57
C ILE A 582 -10.89 12.16 18.49
N ALA A 583 -10.14 12.19 17.39
CA ALA A 583 -10.46 13.03 16.24
C ALA A 583 -10.48 12.19 14.98
N VAL A 584 -11.43 12.44 14.08
CA VAL A 584 -11.55 11.65 12.86
C VAL A 584 -11.48 12.47 11.59
N TYR A 585 -11.51 13.79 11.70
CA TYR A 585 -11.19 14.69 10.59
C TYR A 585 -12.16 14.60 9.37
N GLY A 586 -13.43 14.29 9.62
CA GLY A 586 -14.45 14.25 8.59
C GLY A 586 -15.83 13.99 9.20
N PHE A 587 -16.85 14.67 8.71
CA PHE A 587 -18.08 14.85 9.50
C PHE A 587 -19.36 14.39 8.80
N LYS A 588 -19.24 14.01 7.55
CA LYS A 588 -20.45 13.66 6.80
C LYS A 588 -20.94 12.31 7.28
N GLY A 589 -22.25 12.13 7.26
CA GLY A 589 -22.86 11.00 7.92
C GLY A 589 -23.40 9.95 6.94
N TYR A 590 -24.53 9.39 7.31
CA TYR A 590 -25.13 8.27 6.60
C TYR A 590 -26.53 8.67 6.14
N ALA A 591 -26.83 8.46 4.86
CA ALA A 591 -28.13 8.79 4.29
C ALA A 591 -28.44 7.90 3.09
N ASN A 592 -29.70 7.49 2.97
CA ASN A 592 -30.14 6.60 1.91
C ASN A 592 -29.25 5.36 1.74
N GLY A 593 -28.94 4.71 2.86
CA GLY A 593 -28.16 3.49 2.86
C GLY A 593 -26.70 3.65 2.48
N ARG A 594 -26.19 4.89 2.53
CA ARG A 594 -24.84 5.16 2.05
C ARG A 594 -24.08 5.98 3.08
N TYR A 595 -22.85 5.59 3.36
CA TYR A 595 -21.96 6.43 4.14
C TYR A 595 -21.37 7.50 3.25
N LEU A 596 -21.56 8.75 3.64
CA LEU A 596 -21.05 9.87 2.86
C LEU A 596 -19.55 10.06 3.04
N GLN A 597 -19.03 9.61 4.19
CA GLN A 597 -17.59 9.62 4.45
C GLN A 597 -17.27 8.45 5.36
N PRO A 598 -16.03 7.95 5.31
CA PRO A 598 -15.67 6.79 6.14
C PRO A 598 -15.14 7.17 7.53
N ASN A 599 -15.01 8.46 7.82
CA ASN A 599 -14.31 8.89 9.04
C ASN A 599 -15.07 8.54 10.33
N ILE A 600 -16.37 8.80 10.33
CA ILE A 600 -17.18 8.53 11.49
C ILE A 600 -17.28 7.02 11.78
N PRO A 601 -17.59 6.22 10.74
CA PRO A 601 -17.51 4.77 11.03
C PRO A 601 -16.12 4.37 11.54
N ALA A 602 -15.03 4.99 11.05
CA ALA A 602 -13.69 4.62 11.49
C ALA A 602 -13.53 4.92 12.98
N GLY A 603 -14.09 6.05 13.42
CA GLY A 603 -14.04 6.42 14.82
C GLY A 603 -14.79 5.44 15.70
N VAL A 604 -16.00 5.09 15.30
CA VAL A 604 -16.82 4.15 16.05
C VAL A 604 -16.14 2.80 16.15
N MET A 605 -15.54 2.34 15.04
CA MET A 605 -14.81 1.09 15.05
C MET A 605 -13.67 1.12 16.08
N ALA A 606 -12.99 2.25 16.20
CA ALA A 606 -11.93 2.41 17.19
C ALA A 606 -12.49 2.37 18.61
N ILE A 607 -13.63 3.03 18.79
CA ILE A 607 -14.23 3.11 20.12
C ILE A 607 -14.58 1.70 20.65
N PHE A 608 -15.02 0.82 19.75
CA PHE A 608 -15.44 -0.51 20.15
C PHE A 608 -14.36 -1.58 19.97
N GLY A 609 -13.14 -1.13 19.72
CA GLY A 609 -11.98 -2.02 19.75
C GLY A 609 -11.83 -2.88 18.51
N GLN A 610 -12.45 -2.43 17.42
CA GLN A 610 -12.50 -3.20 16.18
C GLN A 610 -11.58 -2.62 15.11
N ALA A 611 -10.79 -1.63 15.51
CA ALA A 611 -9.84 -0.99 14.60
C ALA A 611 -8.61 -0.53 15.37
N LYS A 612 -7.51 -0.33 14.65
CA LYS A 612 -6.29 0.11 15.31
C LYS A 612 -5.91 1.53 14.89
N PRO A 613 -6.38 2.53 15.65
CA PRO A 613 -5.98 3.92 15.40
C PRO A 613 -4.49 4.10 15.55
N LYS A 614 -3.87 4.85 14.65
CA LYS A 614 -2.44 5.09 14.68
C LYS A 614 -2.18 6.53 14.36
N GLY A 615 -3.23 7.34 14.43
CA GLY A 615 -3.09 8.72 14.00
C GLY A 615 -2.28 9.57 14.96
N THR A 616 -1.57 10.54 14.41
CA THR A 616 -0.95 11.59 15.23
C THR A 616 -1.35 12.94 14.64
N LEU A 617 -1.49 13.95 15.50
CA LEU A 617 -1.97 15.26 15.02
C LEU A 617 -1.16 15.86 13.86
N PRO A 618 -1.85 16.26 12.78
CA PRO A 618 -1.16 16.96 11.71
C PRO A 618 -1.29 18.48 11.91
N VAL A 619 -1.95 18.91 12.99
CA VAL A 619 -1.93 20.32 13.36
C VAL A 619 -1.66 20.49 14.87
N ASP A 620 -1.20 21.67 15.27
CA ASP A 620 -1.18 22.01 16.69
C ASP A 620 -2.59 22.37 17.13
N ILE A 621 -2.94 21.98 18.34
CA ILE A 621 -4.23 22.34 18.93
C ILE A 621 -3.99 23.34 20.04
N PRO A 622 -4.45 24.59 19.85
CA PRO A 622 -4.21 25.63 20.87
C PRO A 622 -5.07 25.38 22.11
N SER A 623 -4.51 25.67 23.27
CA SER A 623 -5.29 25.64 24.51
C SER A 623 -6.27 26.80 24.54
N VAL A 624 -7.44 26.60 25.16
CA VAL A 624 -8.36 27.71 25.40
C VAL A 624 -8.33 28.09 26.87
N THR A 625 -8.00 27.13 27.71
CA THR A 625 -7.91 27.41 29.14
C THR A 625 -6.60 28.10 29.48
N LYS A 626 -5.57 27.90 28.65
CA LYS A 626 -4.30 28.62 28.80
C LYS A 626 -3.91 29.27 27.48
N PRO A 627 -4.58 30.38 27.13
CA PRO A 627 -4.45 31.00 25.81
C PRO A 627 -3.00 31.33 25.43
N GLY A 628 -2.62 30.97 24.22
CA GLY A 628 -1.25 31.20 23.78
C GLY A 628 -0.37 29.98 23.90
N ASN A 629 -0.85 28.98 24.63
CA ASN A 629 -0.13 27.72 24.81
C ASN A 629 -0.71 26.65 23.88
N THR A 630 0.13 25.73 23.43
CA THR A 630 -0.34 24.59 22.65
C THR A 630 -0.82 23.49 23.60
N LEU A 631 -2.07 23.07 23.45
CA LEU A 631 -2.58 21.97 24.29
C LEU A 631 -2.01 20.63 23.81
N TYR A 632 -2.21 20.33 22.54
CA TYR A 632 -1.67 19.11 21.93
C TYR A 632 -0.86 19.48 20.69
N PRO A 633 0.43 19.12 20.70
CA PRO A 633 1.38 19.56 19.67
C PRO A 633 1.25 18.73 18.42
N LEU A 634 1.74 19.24 17.31
CA LEU A 634 1.87 18.44 16.11
C LEU A 634 2.64 17.14 16.41
N GLY A 635 2.09 16.02 15.97
CA GLY A 635 2.74 14.73 16.16
C GLY A 635 2.29 13.93 17.37
N TYR A 636 1.43 14.51 18.19
CA TYR A 636 0.89 13.87 19.39
C TYR A 636 -0.23 12.89 19.03
N GLY A 637 -0.22 11.72 19.65
CA GLY A 637 -1.28 10.75 19.49
C GLY A 637 -0.97 9.56 20.37
N LEU A 638 -2.01 8.95 20.91
CA LEU A 638 -1.79 7.89 21.89
C LEU A 638 -2.05 6.52 21.27
N ASN A 639 -1.38 5.51 21.82
CA ASN A 639 -1.71 4.12 21.57
C ASN A 639 -2.92 3.76 22.43
N ILE A 640 -4.01 3.38 21.79
CA ILE A 640 -5.30 3.19 22.45
C ILE A 640 -5.23 2.04 23.44
N LYS A 641 -4.28 1.14 23.23
CA LYS A 641 -4.12 -0.04 24.07
C LYS A 641 -3.24 0.25 25.29
N THR A 642 -2.07 0.83 25.06
CA THR A 642 -1.11 1.05 26.14
C THR A 642 -1.34 2.35 26.91
N GLY A 643 -2.20 3.21 26.37
CA GLY A 643 -2.50 4.51 26.96
C GLY A 643 -1.35 5.48 26.82
N ARG A 644 -0.25 4.96 26.30
CA ARG A 644 1.00 5.66 26.08
C ARG A 644 1.07 6.35 24.72
N PRO A 645 1.86 7.42 24.61
CA PRO A 645 2.06 8.12 23.33
C PRO A 645 2.72 7.23 22.29
N LEU A 646 2.41 7.48 21.02
CA LEU A 646 3.07 6.80 19.91
C LEU A 646 4.43 7.43 19.68
N ASP B 38 -0.85 -4.57 30.38
CA ASP B 38 -0.24 -5.77 30.96
C ASP B 38 1.27 -5.84 30.79
N ALA B 39 1.73 -5.74 29.54
CA ALA B 39 3.15 -5.84 29.25
C ALA B 39 4.00 -4.82 30.01
N ASN B 40 3.51 -3.59 30.12
CA ASN B 40 4.28 -2.56 30.84
C ASN B 40 4.55 -2.97 32.27
N GLN B 41 3.54 -3.52 32.95
CA GLN B 41 3.71 -3.98 34.34
C GLN B 41 4.73 -5.12 34.44
N ILE B 42 4.71 -6.02 33.48
CA ILE B 42 5.64 -7.14 33.48
C ILE B 42 7.06 -6.62 33.27
N VAL B 43 7.23 -5.74 32.32
CA VAL B 43 8.56 -5.20 32.02
C VAL B 43 9.12 -4.39 33.20
N ASN B 44 8.24 -3.65 33.87
CA ASN B 44 8.65 -2.84 35.01
C ASN B 44 9.24 -3.63 36.18
N ARG B 45 8.88 -4.92 36.27
CA ARG B 45 9.36 -5.79 37.35
C ARG B 45 10.67 -6.52 37.00
N MET B 46 11.03 -6.51 35.71
CA MET B 46 12.21 -7.25 35.26
C MET B 46 13.54 -6.55 35.51
N SER B 47 14.59 -7.32 35.78
CA SER B 47 15.93 -6.74 35.85
C SER B 47 16.45 -6.42 34.44
N LEU B 48 17.53 -5.64 34.35
CA LEU B 48 18.13 -5.35 33.06
C LEU B 48 18.59 -6.63 32.37
N ASP B 49 19.09 -7.58 33.14
CA ASP B 49 19.50 -8.88 32.57
C ASP B 49 18.33 -9.62 31.95
N GLU B 50 17.20 -9.60 32.65
CA GLU B 50 16.00 -10.28 32.16
C GLU B 50 15.47 -9.59 30.90
N LYS B 51 15.56 -8.26 30.87
CA LYS B 51 15.04 -7.51 29.73
C LYS B 51 15.89 -7.74 28.48
N LEU B 52 17.20 -7.73 28.66
CA LEU B 52 18.12 -7.95 27.53
C LEU B 52 18.02 -9.40 27.04
N GLY B 53 17.78 -10.31 27.97
CA GLY B 53 17.50 -11.70 27.65
C GLY B 53 16.33 -11.86 26.68
N GLN B 54 15.21 -11.17 26.94
CA GLN B 54 14.04 -11.22 26.07
C GLN B 54 14.34 -10.87 24.64
N MET B 55 15.33 -10.01 24.44
CA MET B 55 15.64 -9.48 23.12
C MET B 55 16.57 -10.38 22.32
N LEU B 56 16.89 -11.54 22.88
CA LEU B 56 17.77 -12.47 22.19
C LEU B 56 17.00 -13.69 21.68
N MET B 57 17.30 -14.11 20.44
CA MET B 57 16.72 -15.33 19.89
C MET B 57 17.80 -16.21 19.24
N PRO B 58 18.47 -17.04 20.05
CA PRO B 58 19.51 -17.92 19.50
C PRO B 58 18.89 -19.09 18.78
N ASP B 59 19.72 -19.82 18.05
CA ASP B 59 19.38 -21.16 17.59
C ASP B 59 20.24 -22.14 18.37
N PHE B 60 19.78 -23.37 18.55
CA PHE B 60 20.63 -24.46 18.95
C PHE B 60 20.41 -25.58 17.93
N ARG B 61 20.92 -25.36 16.73
CA ARG B 61 20.75 -26.29 15.64
C ARG B 61 21.47 -27.60 15.97
N ASN B 62 22.72 -27.45 16.42
CA ASN B 62 23.56 -28.58 16.78
C ASN B 62 24.10 -28.39 18.17
N TRP B 63 24.53 -29.47 18.80
CA TRP B 63 25.06 -29.35 20.15
C TRP B 63 26.13 -30.38 20.39
N GLN B 64 27.18 -29.99 21.11
CA GLN B 64 28.24 -30.91 21.51
C GLN B 64 28.32 -30.93 23.02
N LYS B 65 27.90 -32.03 23.63
CA LYS B 65 27.86 -32.16 25.07
C LYS B 65 29.28 -32.32 25.62
N GLU B 66 29.43 -32.12 26.92
CA GLU B 66 30.69 -32.40 27.62
C GLU B 66 31.14 -33.83 27.36
N GLY B 67 32.41 -34.00 27.01
CA GLY B 67 32.94 -35.32 26.69
C GLY B 67 32.84 -35.74 25.23
N GLU B 68 31.93 -35.12 24.49
CA GLU B 68 31.77 -35.41 23.07
C GLU B 68 32.79 -34.60 22.25
N SER B 69 33.22 -35.16 21.13
CA SER B 69 34.28 -34.55 20.34
C SER B 69 33.75 -33.68 19.20
N SER B 70 32.47 -33.81 18.86
CA SER B 70 31.88 -33.02 17.78
C SER B 70 30.39 -32.82 18.00
N PRO B 71 29.84 -31.70 17.46
CA PRO B 71 28.41 -31.41 17.53
C PRO B 71 27.59 -32.46 16.78
N GLN B 72 26.36 -32.69 17.20
CA GLN B 72 25.40 -33.45 16.40
C GLN B 72 24.09 -32.71 16.47
N ALA B 73 23.17 -33.01 15.54
CA ALA B 73 21.86 -32.34 15.53
C ALA B 73 21.17 -32.43 16.89
N LEU B 74 20.64 -31.30 17.37
CA LEU B 74 19.89 -31.29 18.62
C LEU B 74 18.45 -31.72 18.34
N THR B 75 18.11 -32.97 18.64
CA THR B 75 16.74 -33.44 18.43
C THR B 75 15.98 -33.56 19.76
N LYS B 76 16.71 -33.69 20.86
CA LYS B 76 16.04 -33.70 22.15
C LYS B 76 16.77 -32.79 23.12
N MET B 77 16.02 -32.27 24.11
CA MET B 77 16.60 -31.39 25.10
C MET B 77 17.65 -32.11 25.97
N ASN B 78 18.66 -31.38 26.42
CA ASN B 78 19.54 -31.88 27.48
C ASN B 78 19.75 -30.82 28.55
N ASP B 79 20.37 -31.21 29.66
CA ASP B 79 20.48 -30.31 30.80
C ASP B 79 21.40 -29.14 30.50
N GLU B 80 22.30 -29.32 29.54
CA GLU B 80 23.24 -28.25 29.23
C GLU B 80 22.54 -27.08 28.52
N VAL B 81 21.77 -27.39 27.48
CA VAL B 81 21.02 -26.35 26.78
C VAL B 81 20.00 -25.69 27.71
N ALA B 82 19.27 -26.54 28.42
CA ALA B 82 18.28 -26.04 29.37
C ALA B 82 18.92 -25.09 30.37
N SER B 83 20.14 -25.39 30.81
CA SER B 83 20.80 -24.53 31.78
C SER B 83 21.09 -23.14 31.20
N LEU B 84 21.37 -23.05 29.89
CA LEU B 84 21.64 -21.77 29.23
C LEU B 84 20.34 -20.98 29.03
N VAL B 85 19.26 -21.69 28.73
CA VAL B 85 17.96 -21.05 28.58
C VAL B 85 17.55 -20.44 29.93
N LYS B 86 17.80 -21.18 31.01
CA LYS B 86 17.47 -20.71 32.38
C LYS B 86 18.37 -19.54 32.82
N LYS B 87 19.65 -19.64 32.50
CA LYS B 87 20.63 -18.61 32.88
C LYS B 87 20.33 -17.28 32.20
N TYR B 88 20.19 -17.30 30.87
CA TYR B 88 20.12 -16.07 30.10
C TYR B 88 18.70 -15.61 29.83
N GLN B 89 17.74 -16.53 30.00
CA GLN B 89 16.31 -16.24 29.86
C GLN B 89 15.97 -15.60 28.52
N PHE B 90 16.32 -16.33 27.46
CA PHE B 90 16.09 -15.86 26.12
C PHE B 90 14.63 -15.58 25.93
N GLY B 91 14.33 -14.66 25.02
CA GLY B 91 12.95 -14.41 24.64
C GLY B 91 12.44 -15.46 23.67
N GLY B 92 13.35 -16.16 23.01
CA GLY B 92 12.91 -17.10 21.99
C GLY B 92 14.01 -17.96 21.43
N ILE B 93 13.62 -18.97 20.65
CA ILE B 93 14.57 -19.86 19.95
C ILE B 93 14.11 -20.06 18.53
N ILE B 94 15.01 -19.93 17.56
CA ILE B 94 14.66 -20.32 16.21
C ILE B 94 15.03 -21.81 15.97
N LEU B 95 14.08 -22.55 15.41
CA LEU B 95 14.28 -23.98 15.07
C LEU B 95 14.64 -24.15 13.60
N PHE B 96 15.54 -25.10 13.31
CA PHE B 96 15.86 -25.47 11.94
C PHE B 96 15.46 -26.92 11.61
N ALA B 97 15.65 -27.37 10.37
CA ALA B 97 15.14 -28.69 9.99
C ALA B 97 15.70 -29.81 10.89
N GLU B 98 16.94 -29.63 11.33
CA GLU B 98 17.62 -30.61 12.22
C GLU B 98 16.83 -30.88 13.50
N ASN B 99 16.11 -29.86 13.95
CA ASN B 99 15.41 -29.87 15.24
C ASN B 99 13.96 -30.34 15.17
N VAL B 100 13.43 -30.50 13.97
CA VAL B 100 12.00 -30.75 13.82
C VAL B 100 11.74 -31.91 12.85
N LYS B 101 12.54 -32.95 12.96
CA LYS B 101 12.49 -33.99 11.96
C LYS B 101 11.21 -34.82 12.01
N THR B 102 10.66 -35.02 13.20
CA THR B 102 9.39 -35.77 13.31
C THR B 102 8.41 -35.08 14.26
N THR B 103 7.13 -35.38 14.08
CA THR B 103 6.09 -34.76 14.89
C THR B 103 6.24 -35.09 16.37
N LYS B 104 6.50 -36.35 16.68
CA LYS B 104 6.70 -36.79 18.06
C LYS B 104 7.88 -36.06 18.71
N GLN B 105 9.01 -36.03 18.01
CA GLN B 105 10.22 -35.38 18.50
C GLN B 105 10.05 -33.87 18.68
N THR B 106 9.31 -33.24 17.76
CA THR B 106 9.14 -31.79 17.79
C THR B 106 8.31 -31.36 18.99
N VAL B 107 7.22 -32.07 19.25
CA VAL B 107 6.36 -31.76 20.37
C VAL B 107 7.14 -31.95 21.67
N GLN B 108 7.91 -33.03 21.76
CA GLN B 108 8.76 -33.24 22.92
C GLN B 108 9.73 -32.08 23.11
N LEU B 109 10.33 -31.63 22.01
CA LEU B 109 11.34 -30.58 22.08
C LEU B 109 10.73 -29.22 22.46
N THR B 110 9.58 -28.88 21.88
CA THR B 110 8.98 -27.59 22.20
C THR B 110 8.43 -27.59 23.63
N ASP B 111 7.85 -28.72 24.05
CA ASP B 111 7.41 -28.84 25.44
C ASP B 111 8.56 -28.68 26.42
N ASP B 112 9.70 -29.28 26.08
CA ASP B 112 10.89 -29.23 26.94
C ASP B 112 11.56 -27.86 26.90
N TYR B 113 11.56 -27.21 25.75
CA TYR B 113 12.04 -25.81 25.73
C TYR B 113 11.20 -24.95 26.68
N GLN B 114 9.89 -25.08 26.60
CA GLN B 114 9.02 -24.25 27.44
C GLN B 114 9.14 -24.62 28.93
N LYS B 115 9.48 -25.87 29.23
CA LYS B 115 9.73 -26.25 30.63
C LYS B 115 10.99 -25.57 31.16
N ALA B 116 11.94 -25.27 30.28
CA ALA B 116 13.16 -24.57 30.72
C ALA B 116 12.92 -23.08 30.76
N SER B 117 11.77 -22.63 30.25
CA SER B 117 11.45 -21.19 30.26
C SER B 117 10.06 -20.90 30.85
N PRO B 118 9.87 -21.22 32.14
CA PRO B 118 8.54 -21.19 32.77
C PRO B 118 8.07 -19.78 33.14
N LYS B 119 8.98 -18.83 33.35
CA LYS B 119 8.56 -17.49 33.76
C LYS B 119 7.91 -16.75 32.61
N ILE B 120 8.62 -16.64 31.49
CA ILE B 120 8.02 -16.10 30.30
C ILE B 120 8.24 -17.08 29.16
N PRO B 121 7.15 -17.62 28.61
CA PRO B 121 7.34 -18.64 27.56
C PRO B 121 8.10 -18.08 26.35
N LEU B 122 8.85 -18.96 25.69
CA LEU B 122 9.66 -18.59 24.55
C LEU B 122 8.82 -18.35 23.29
N MET B 123 9.23 -17.39 22.46
CA MET B 123 8.82 -17.43 21.06
C MET B 123 9.63 -18.50 20.36
N LEU B 124 8.96 -19.56 19.92
CA LEU B 124 9.67 -20.61 19.22
C LEU B 124 9.37 -20.45 17.75
N SER B 125 10.39 -20.09 16.99
CA SER B 125 10.19 -19.66 15.64
C SER B 125 10.78 -20.61 14.61
N ILE B 126 10.37 -20.39 13.37
CA ILE B 126 10.76 -21.25 12.27
C ILE B 126 10.53 -20.63 10.90
N ASP B 127 11.29 -21.06 9.90
CA ASP B 127 11.06 -20.63 8.53
C ASP B 127 10.19 -21.64 7.77
N GLN B 128 8.90 -21.68 8.04
CA GLN B 128 8.01 -22.57 7.33
C GLN B 128 7.26 -21.74 6.30
N GLU B 129 7.93 -21.46 5.18
CA GLU B 129 7.37 -20.58 4.14
C GLU B 129 6.42 -21.36 3.26
N GLY B 130 6.75 -22.62 3.03
CA GLY B 130 6.09 -23.43 2.03
C GLY B 130 6.98 -23.46 0.77
N GLY B 131 6.78 -24.46 -0.09
CA GLY B 131 7.53 -24.55 -1.34
C GLY B 131 8.98 -24.96 -1.12
N ILE B 132 9.94 -24.13 -1.55
CA ILE B 132 11.34 -24.54 -1.47
C ILE B 132 11.99 -24.24 -0.12
N VAL B 133 11.31 -23.49 0.75
CA VAL B 133 11.77 -23.28 2.11
C VAL B 133 10.77 -23.89 3.10
N THR B 134 11.09 -25.09 3.58
CA THR B 134 10.31 -25.73 4.63
C THR B 134 11.28 -26.37 5.61
N ARG B 135 10.82 -26.60 6.84
CA ARG B 135 11.68 -27.21 7.86
C ARG B 135 11.05 -28.48 8.44
N LEU B 136 9.73 -28.49 8.57
CA LEU B 136 9.04 -29.60 9.22
C LEU B 136 9.25 -30.92 8.48
N GLY B 137 9.71 -31.92 9.21
CA GLY B 137 9.98 -33.21 8.59
C GLY B 137 8.76 -33.98 8.11
N GLU B 138 7.64 -33.83 8.81
CA GLU B 138 6.44 -34.62 8.49
C GLU B 138 5.22 -33.76 8.19
N GLY B 139 5.44 -32.46 8.00
CA GLY B 139 4.36 -31.53 7.71
C GLY B 139 4.02 -31.40 6.24
N THR B 140 3.05 -30.54 5.95
CA THR B 140 2.61 -30.29 4.59
C THR B 140 3.49 -29.22 3.93
N ASN B 141 4.09 -29.55 2.79
CA ASN B 141 5.12 -28.68 2.20
C ASN B 141 4.61 -27.46 1.40
N PHE B 142 3.54 -27.66 0.62
CA PHE B 142 2.95 -26.64 -0.28
C PHE B 142 3.81 -26.28 -1.52
N PRO B 143 3.18 -25.70 -2.58
CA PRO B 143 3.96 -25.46 -3.80
C PRO B 143 4.81 -24.17 -3.78
N GLY B 144 4.53 -23.30 -2.81
CA GLY B 144 5.33 -22.11 -2.62
C GLY B 144 4.65 -20.82 -3.04
N ASN B 145 5.31 -19.71 -2.76
CA ASN B 145 4.70 -18.41 -3.00
C ASN B 145 4.44 -18.12 -4.49
N MET B 146 5.40 -18.39 -5.36
CA MET B 146 5.14 -18.05 -6.74
C MET B 146 3.98 -18.86 -7.31
N ALA B 147 3.84 -20.11 -6.88
CA ALA B 147 2.67 -20.91 -7.27
C ALA B 147 1.37 -20.26 -6.75
N LEU B 148 1.41 -19.77 -5.51
CA LEU B 148 0.26 -19.04 -4.99
C LEU B 148 -0.04 -17.83 -5.86
N GLY B 149 1.01 -17.10 -6.25
CA GLY B 149 0.87 -16.02 -7.21
C GLY B 149 0.17 -16.45 -8.49
N ALA B 150 0.60 -17.58 -9.05
CA ALA B 150 -0.01 -18.06 -10.28
C ALA B 150 -1.49 -18.42 -10.11
N ALA B 151 -1.84 -18.96 -8.94
CA ALA B 151 -3.23 -19.29 -8.64
C ALA B 151 -4.05 -18.02 -8.38
N ARG B 152 -3.36 -16.94 -8.01
CA ARG B 152 -3.95 -15.61 -7.89
C ARG B 152 -4.89 -15.38 -6.71
N SER B 153 -5.70 -16.38 -6.38
CA SER B 153 -6.76 -16.24 -5.39
C SER B 153 -6.33 -16.02 -3.94
N ARG B 154 -6.87 -14.98 -3.32
CA ARG B 154 -6.61 -14.70 -1.90
C ARG B 154 -7.09 -15.83 -1.00
N ILE B 155 -8.12 -16.55 -1.41
CA ILE B 155 -8.58 -17.69 -0.62
C ILE B 155 -7.50 -18.75 -0.42
N ASN B 156 -6.73 -19.03 -1.47
CA ASN B 156 -5.64 -20.00 -1.37
C ASN B 156 -4.53 -19.57 -0.41
N ALA B 157 -4.20 -18.28 -0.44
CA ALA B 157 -3.18 -17.77 0.45
C ALA B 157 -3.63 -17.83 1.89
N TYR B 158 -4.89 -17.49 2.15
CA TYR B 158 -5.43 -17.50 3.51
C TYR B 158 -5.41 -18.91 4.03
N GLN B 159 -5.90 -19.81 3.19
CA GLN B 159 -5.97 -21.24 3.55
C GLN B 159 -4.58 -21.85 3.76
N THR B 160 -3.60 -21.37 3.01
CA THR B 160 -2.24 -21.90 3.18
C THR B 160 -1.65 -21.47 4.52
N GLY B 161 -1.77 -20.17 4.81
CA GLY B 161 -1.32 -19.67 6.09
C GLY B 161 -2.08 -20.33 7.23
N SER B 162 -3.38 -20.59 7.02
CA SER B 162 -4.20 -21.19 8.06
C SER B 162 -3.75 -22.64 8.33
N ILE B 163 -3.49 -23.38 7.26
CA ILE B 163 -3.06 -24.77 7.41
C ILE B 163 -1.65 -24.84 8.02
N ILE B 164 -0.71 -24.04 7.51
CA ILE B 164 0.63 -24.01 8.11
C ILE B 164 0.51 -23.62 9.59
N GLY B 165 -0.33 -22.63 9.88
CA GLY B 165 -0.57 -22.20 11.25
C GLY B 165 -1.13 -23.30 12.14
N LYS B 166 -2.03 -24.10 11.59
CA LYS B 166 -2.56 -25.22 12.39
C LYS B 166 -1.47 -26.23 12.76
N GLU B 167 -0.63 -26.58 11.80
CA GLU B 167 0.45 -27.53 12.04
C GLU B 167 1.46 -27.03 13.05
N LEU B 168 1.91 -25.79 12.87
CA LEU B 168 2.84 -25.18 13.81
C LEU B 168 2.21 -25.14 15.21
N SER B 169 0.96 -24.70 15.30
CA SER B 169 0.34 -24.60 16.61
C SER B 169 0.28 -25.95 17.33
N ALA B 170 -0.08 -27.01 16.62
CA ALA B 170 -0.16 -28.33 17.26
C ALA B 170 1.26 -28.76 17.72
N LEU B 171 2.29 -28.32 16.99
CA LEU B 171 3.68 -28.68 17.29
C LEU B 171 4.30 -27.87 18.42
N GLY B 172 3.58 -26.87 18.93
CA GLY B 172 4.13 -26.02 19.96
C GLY B 172 5.03 -24.92 19.42
N ILE B 173 5.02 -24.75 18.11
CA ILE B 173 5.74 -23.65 17.49
C ILE B 173 4.78 -22.48 17.40
N ASN B 174 5.23 -21.26 17.74
CA ASN B 174 4.26 -20.18 17.85
C ASN B 174 4.58 -18.96 16.98
N THR B 175 5.64 -19.06 16.21
CA THR B 175 6.07 -17.95 15.37
C THR B 175 6.56 -18.44 14.03
N ASP B 176 6.04 -17.86 12.95
CA ASP B 176 6.50 -18.24 11.61
C ASP B 176 7.14 -17.06 10.91
N PHE B 177 8.36 -17.24 10.44
CA PHE B 177 9.03 -16.20 9.70
C PHE B 177 8.55 -16.26 8.25
N SER B 178 7.31 -15.78 8.07
CA SER B 178 6.62 -15.83 6.80
C SER B 178 5.43 -14.89 6.96
N PRO B 179 4.97 -14.25 5.88
CA PRO B 179 5.36 -14.39 4.48
C PRO B 179 6.47 -13.46 3.97
N VAL B 180 7.21 -13.98 3.01
CA VAL B 180 8.03 -13.16 2.13
C VAL B 180 7.15 -12.24 1.30
N VAL B 181 7.39 -10.94 1.38
CA VAL B 181 6.65 -9.99 0.55
C VAL B 181 7.63 -9.18 -0.30
N ASP B 182 8.83 -9.75 -0.42
CA ASP B 182 9.79 -9.30 -1.41
C ASP B 182 9.16 -9.48 -2.78
N ILE B 183 9.44 -8.55 -3.66
CA ILE B 183 8.86 -8.53 -4.99
C ILE B 183 9.89 -8.90 -6.07
N ASN B 184 9.70 -10.04 -6.71
CA ASN B 184 10.64 -10.53 -7.71
C ASN B 184 10.39 -9.91 -9.05
N ASN B 185 10.79 -8.64 -9.21
CA ASN B 185 10.47 -7.90 -10.42
C ASN B 185 11.66 -7.74 -11.39
N ASN B 186 12.80 -8.37 -11.08
CA ASN B 186 13.96 -8.33 -11.99
C ASN B 186 14.46 -9.72 -12.40
N PRO B 187 14.01 -10.20 -13.57
CA PRO B 187 14.38 -11.52 -14.12
C PRO B 187 15.90 -11.70 -14.23
N ASP B 188 16.62 -10.58 -14.35
CA ASP B 188 18.09 -10.60 -14.44
C ASP B 188 18.81 -10.74 -13.08
N ASN B 189 18.09 -10.57 -11.98
CA ASN B 189 18.63 -10.94 -10.68
C ASN B 189 17.52 -11.47 -9.80
N PRO B 190 17.03 -12.69 -10.08
CA PRO B 190 15.86 -13.19 -9.35
C PRO B 190 16.22 -13.94 -8.07
N VAL B 191 16.86 -13.26 -7.13
CA VAL B 191 17.42 -13.93 -5.95
C VAL B 191 16.36 -14.55 -5.06
N ILE B 192 15.25 -13.84 -4.88
CA ILE B 192 14.16 -14.38 -4.08
C ILE B 192 13.37 -15.40 -4.91
N GLY B 193 13.17 -15.11 -6.21
CA GLY B 193 12.64 -16.13 -7.11
C GLY B 193 11.30 -16.72 -6.68
N VAL B 194 11.19 -18.04 -6.62
CA VAL B 194 9.91 -18.69 -6.32
C VAL B 194 9.43 -18.50 -4.87
N ARG B 195 10.26 -17.88 -4.04
CA ARG B 195 9.84 -17.52 -2.69
C ARG B 195 9.00 -16.24 -2.70
N SER B 196 8.95 -15.57 -3.85
CA SER B 196 8.17 -14.35 -4.01
C SER B 196 6.87 -14.62 -4.75
N PHE B 197 5.81 -13.91 -4.38
CA PHE B 197 4.50 -14.17 -5.00
C PHE B 197 4.49 -13.78 -6.46
N SER B 198 5.15 -12.67 -6.82
CA SER B 198 4.90 -12.01 -8.08
C SER B 198 5.92 -10.91 -8.40
N SER B 199 5.93 -10.47 -9.65
CA SER B 199 6.71 -9.29 -10.00
C SER B 199 5.85 -8.05 -9.76
N ASN B 200 4.59 -8.27 -9.42
CA ASN B 200 3.64 -7.18 -9.31
C ASN B 200 3.36 -6.82 -7.86
N ARG B 201 3.42 -5.52 -7.55
CA ARG B 201 3.36 -5.07 -6.17
C ARG B 201 2.02 -5.36 -5.52
N GLU B 202 0.94 -5.23 -6.30
CA GLU B 202 -0.40 -5.42 -5.77
C GLU B 202 -0.72 -6.91 -5.52
N LEU B 203 -0.30 -7.78 -6.42
CA LEU B 203 -0.51 -9.22 -6.22
C LEU B 203 0.30 -9.70 -5.01
N THR B 204 1.54 -9.25 -4.90
CA THR B 204 2.36 -9.64 -3.73
C THR B 204 1.71 -9.10 -2.45
N SER B 205 1.19 -7.89 -2.48
CA SER B 205 0.63 -7.28 -1.27
C SER B 205 -0.62 -8.04 -0.83
N ARG B 206 -1.48 -8.33 -1.78
CA ARG B 206 -2.71 -9.05 -1.48
C ARG B 206 -2.40 -10.43 -0.91
N LEU B 207 -1.52 -11.16 -1.57
CA LEU B 207 -1.24 -12.52 -1.13
C LEU B 207 -0.46 -12.57 0.16
N GLY B 208 0.43 -11.59 0.39
CA GLY B 208 1.18 -11.53 1.63
C GLY B 208 0.23 -11.25 2.79
N LEU B 209 -0.69 -10.34 2.55
CA LEU B 209 -1.62 -9.91 3.59
C LEU B 209 -2.46 -11.10 4.04
N TYR B 210 -2.96 -11.85 3.08
CA TYR B 210 -3.85 -12.96 3.40
C TYR B 210 -3.17 -14.18 3.97
N THR B 211 -1.92 -14.39 3.56
CA THR B 211 -1.08 -15.40 4.18
C THR B 211 -0.93 -15.08 5.65
N MET B 212 -0.54 -13.85 5.91
CA MET B 212 -0.40 -13.35 7.28
C MET B 212 -1.69 -13.47 8.13
N LYS B 213 -2.84 -13.09 7.56
CA LYS B 213 -4.09 -13.22 8.31
C LYS B 213 -4.38 -14.69 8.64
N GLY B 214 -4.00 -15.59 7.75
CA GLY B 214 -4.25 -17.02 7.94
C GLY B 214 -3.41 -17.55 9.09
N LEU B 215 -2.15 -17.11 9.16
CA LEU B 215 -1.29 -17.54 10.25
C LEU B 215 -1.83 -16.98 11.59
N GLN B 216 -2.18 -15.70 11.60
CA GLN B 216 -2.60 -15.05 12.85
C GLN B 216 -3.89 -15.61 13.39
N ARG B 217 -4.75 -16.08 12.50
CA ARG B 217 -6.03 -16.66 12.90
C ARG B 217 -5.83 -17.91 13.74
N GLN B 218 -4.69 -18.54 13.54
CA GLN B 218 -4.32 -19.74 14.29
C GLN B 218 -3.42 -19.41 15.48
N ASP B 219 -3.33 -18.11 15.80
CA ASP B 219 -2.50 -17.61 16.88
C ASP B 219 -1.03 -17.95 16.65
N ILE B 220 -0.60 -17.84 15.40
CA ILE B 220 0.82 -17.87 15.08
C ILE B 220 1.26 -16.43 14.78
N ALA B 221 2.34 -15.98 15.41
CA ALA B 221 2.91 -14.67 15.11
C ALA B 221 3.59 -14.74 13.76
N SER B 222 3.23 -13.81 12.88
CA SER B 222 3.72 -13.80 11.52
C SER B 222 4.73 -12.68 11.33
N ALA B 223 5.80 -12.95 10.58
CA ALA B 223 6.75 -11.88 10.28
C ALA B 223 6.83 -11.59 8.77
N LEU B 224 6.62 -10.33 8.39
CA LEU B 224 6.88 -9.89 7.01
C LEU B 224 8.39 -9.84 6.78
N LYS B 225 8.84 -10.33 5.64
CA LYS B 225 10.27 -10.20 5.36
C LYS B 225 10.49 -10.02 3.86
N HIS B 226 11.59 -9.40 3.44
CA HIS B 226 12.65 -8.86 4.29
C HIS B 226 12.72 -7.35 4.07
N PHE B 227 12.43 -6.61 5.13
CA PHE B 227 12.26 -5.16 5.05
C PHE B 227 13.58 -4.43 4.90
N PRO B 228 13.66 -3.40 4.03
CA PRO B 228 12.61 -2.79 3.21
C PRO B 228 12.42 -3.37 1.81
N GLY B 229 12.82 -4.60 1.55
CA GLY B 229 12.55 -5.19 0.25
C GLY B 229 13.78 -5.79 -0.42
N HIS B 230 13.80 -7.11 -0.51
CA HIS B 230 15.00 -7.84 -0.91
C HIS B 230 14.90 -8.33 -2.35
N GLY B 231 13.84 -7.92 -3.04
CA GLY B 231 13.49 -8.50 -4.33
C GLY B 231 14.36 -8.14 -5.51
N ASP B 232 14.95 -6.94 -5.50
CA ASP B 232 15.69 -6.38 -6.65
C ASP B 232 17.01 -5.70 -6.28
N THR B 233 18.00 -6.51 -5.93
CA THR B 233 19.31 -5.97 -5.53
C THR B 233 20.25 -5.76 -6.75
N ASP B 234 21.29 -4.93 -6.63
CA ASP B 234 22.23 -4.74 -7.74
C ASP B 234 22.99 -6.02 -8.05
N VAL B 235 23.08 -6.40 -9.33
CA VAL B 235 23.67 -7.70 -9.66
C VAL B 235 25.18 -7.67 -9.38
N ASP B 236 25.78 -6.48 -9.50
CA ASP B 236 27.22 -6.36 -9.35
C ASP B 236 27.64 -5.91 -7.95
N SER B 237 26.84 -6.23 -6.93
CA SER B 237 27.26 -6.02 -5.54
C SER B 237 28.58 -6.76 -5.27
N HIS B 238 29.58 -6.06 -4.75
CA HIS B 238 30.92 -6.63 -4.69
C HIS B 238 31.62 -6.36 -3.36
N TYR B 239 30.85 -5.99 -2.35
CA TYR B 239 31.39 -5.79 -1.01
C TYR B 239 30.81 -6.77 0.02
N GLY B 240 30.11 -7.80 -0.45
CA GLY B 240 29.63 -8.86 0.42
C GLY B 240 28.19 -8.71 0.89
N LEU B 241 27.75 -7.46 0.99
CA LEU B 241 26.36 -7.16 1.28
C LEU B 241 25.69 -6.75 -0.01
N PRO B 242 24.50 -7.30 -0.28
CA PRO B 242 23.76 -6.83 -1.44
C PRO B 242 23.46 -5.34 -1.33
N LEU B 243 23.34 -4.69 -2.47
CA LEU B 243 23.12 -3.25 -2.54
C LEU B 243 21.88 -2.99 -3.40
N VAL B 244 20.97 -2.15 -2.94
CA VAL B 244 19.87 -1.65 -3.78
C VAL B 244 20.09 -0.17 -4.16
N SER B 245 20.20 0.12 -5.45
CA SER B 245 20.55 1.48 -5.91
C SER B 245 19.35 2.39 -6.19
N HIS B 246 18.15 1.84 -6.11
CA HIS B 246 16.94 2.62 -6.42
C HIS B 246 16.77 3.79 -5.47
N GLY B 247 16.20 4.86 -6.01
CA GLY B 247 15.90 6.05 -5.23
C GLY B 247 14.67 5.88 -4.37
N GLN B 248 14.44 6.87 -3.50
CA GLN B 248 13.36 6.82 -2.55
C GLN B 248 11.99 6.71 -3.22
N GLU B 249 11.82 7.39 -4.35
CA GLU B 249 10.52 7.38 -5.02
C GLU B 249 10.16 5.96 -5.45
N ARG B 250 11.09 5.29 -6.12
CA ARG B 250 10.83 3.90 -6.51
C ARG B 250 10.62 2.96 -5.32
N LEU B 251 11.46 3.12 -4.30
CA LEU B 251 11.35 2.25 -3.13
C LEU B 251 10.00 2.41 -2.41
N ARG B 252 9.54 3.65 -2.26
CA ARG B 252 8.24 3.88 -1.57
C ARG B 252 7.04 3.38 -2.39
N GLU B 253 7.14 3.48 -3.72
CA GLU B 253 6.05 3.09 -4.62
C GLU B 253 5.96 1.59 -4.84
N VAL B 254 7.10 0.91 -4.82
CA VAL B 254 7.14 -0.51 -5.16
C VAL B 254 7.53 -1.38 -3.97
N GLU B 255 8.82 -1.39 -3.64
CA GLU B 255 9.34 -2.28 -2.58
C GLU B 255 8.56 -2.16 -1.28
N LEU B 256 8.32 -0.94 -0.84
CA LEU B 256 7.70 -0.71 0.47
C LEU B 256 6.20 -0.98 0.46
N TYR B 257 5.62 -1.05 -0.73
CA TYR B 257 4.16 -1.10 -0.88
C TYR B 257 3.51 -2.27 -0.13
N PRO B 258 3.99 -3.49 -0.35
CA PRO B 258 3.33 -4.57 0.41
C PRO B 258 3.59 -4.54 1.90
N PHE B 259 4.71 -3.94 2.28
CA PHE B 259 4.97 -3.80 3.71
C PHE B 259 3.99 -2.83 4.37
N GLN B 260 3.75 -1.68 3.73
CA GLN B 260 2.80 -0.72 4.31
C GLN B 260 1.40 -1.31 4.49
N LYS B 261 0.94 -2.06 3.51
CA LYS B 261 -0.42 -2.60 3.55
C LYS B 261 -0.56 -3.60 4.67
N ALA B 262 0.44 -4.47 4.79
CA ALA B 262 0.37 -5.52 5.79
C ALA B 262 0.55 -4.94 7.18
N ILE B 263 1.43 -3.93 7.28
CA ILE B 263 1.62 -3.24 8.56
C ILE B 263 0.33 -2.59 9.02
N ASP B 264 -0.38 -1.94 8.08
CA ASP B 264 -1.64 -1.29 8.43
C ASP B 264 -2.72 -2.32 8.76
N ALA B 265 -2.60 -3.52 8.20
CA ALA B 265 -3.59 -4.55 8.48
C ALA B 265 -3.27 -5.36 9.73
N GLY B 266 -2.21 -5.00 10.43
CA GLY B 266 -1.94 -5.61 11.71
C GLY B 266 -0.86 -6.68 11.77
N ALA B 267 0.21 -6.53 10.98
CA ALA B 267 1.34 -7.46 11.03
C ALA B 267 1.98 -7.51 12.42
N ASP B 268 2.32 -8.70 12.90
CA ASP B 268 2.89 -8.84 14.25
C ASP B 268 4.36 -8.44 14.27
N MET B 269 5.09 -8.86 13.24
CA MET B 269 6.52 -8.71 13.22
C MET B 269 7.02 -8.34 11.82
N VAL B 270 8.18 -7.70 11.77
CA VAL B 270 8.86 -7.44 10.50
C VAL B 270 10.32 -7.89 10.64
N MET B 271 10.80 -8.73 9.71
CA MET B 271 12.21 -9.11 9.70
C MET B 271 13.02 -8.23 8.73
N THR B 272 14.24 -7.88 9.14
CA THR B 272 15.07 -6.94 8.39
C THR B 272 15.76 -7.62 7.22
N ALA B 273 16.32 -6.82 6.32
CA ALA B 273 17.16 -7.34 5.25
C ALA B 273 18.58 -6.86 5.46
N HIS B 274 19.57 -7.73 5.30
CA HIS B 274 20.95 -7.27 5.44
C HIS B 274 21.39 -6.66 4.11
N VAL B 275 20.74 -5.58 3.68
CA VAL B 275 20.96 -5.05 2.35
C VAL B 275 21.18 -3.54 2.50
N GLN B 276 22.12 -3.00 1.73
CA GLN B 276 22.40 -1.56 1.76
C GLN B 276 21.38 -0.80 0.93
N PHE B 277 20.84 0.27 1.49
CA PHE B 277 19.93 1.15 0.75
C PHE B 277 20.40 2.61 0.88
N PRO B 278 21.38 3.02 0.08
CA PRO B 278 21.89 4.38 0.16
C PRO B 278 20.84 5.48 0.01
N ALA B 279 19.73 5.23 -0.68
CA ALA B 279 18.69 6.24 -0.82
C ALA B 279 18.03 6.57 0.53
N PHE B 280 18.15 5.68 1.51
CA PHE B 280 17.62 5.97 2.86
C PHE B 280 18.71 6.20 3.90
N ASP B 281 19.87 5.59 3.70
CA ASP B 281 20.97 5.76 4.66
C ASP B 281 22.33 5.55 4.04
N ASP B 282 23.15 6.61 3.99
CA ASP B 282 24.48 6.47 3.40
C ASP B 282 25.60 6.40 4.45
N THR B 283 25.20 6.18 5.70
CA THR B 283 26.14 5.98 6.80
C THR B 283 27.11 4.85 6.46
N THR B 284 28.39 5.08 6.67
CA THR B 284 29.38 4.02 6.48
C THR B 284 30.03 3.62 7.80
N TYR B 285 30.60 2.42 7.85
CA TYR B 285 31.37 1.95 8.98
C TYR B 285 32.67 1.38 8.51
N LYS B 286 33.64 1.33 9.42
CA LYS B 286 34.94 0.80 9.04
C LYS B 286 34.89 -0.72 9.17
N SER B 287 34.90 -1.41 8.04
CA SER B 287 34.82 -2.87 8.03
C SER B 287 35.91 -3.50 8.91
N LYS B 288 35.53 -4.52 9.68
CA LYS B 288 36.52 -5.27 10.46
C LYS B 288 37.19 -6.33 9.59
N LEU B 289 36.71 -6.46 8.35
CA LEU B 289 37.24 -7.42 7.40
C LEU B 289 38.40 -6.85 6.59
N ASP B 290 38.26 -5.63 6.07
CA ASP B 290 39.30 -5.05 5.23
C ASP B 290 39.63 -3.59 5.55
N GLY B 291 39.00 -3.08 6.61
CA GLY B 291 39.28 -1.74 7.07
C GLY B 291 38.72 -0.66 6.17
N SER B 292 37.97 -1.06 5.14
CA SER B 292 37.39 -0.10 4.22
C SER B 292 36.09 0.44 4.80
N ASP B 293 35.62 1.56 4.26
CA ASP B 293 34.34 2.12 4.67
C ASP B 293 33.21 1.33 4.02
N ILE B 294 32.37 0.70 4.82
CA ILE B 294 31.28 -0.07 4.24
C ILE B 294 29.93 0.58 4.55
N LEU B 295 29.07 0.69 3.53
CA LEU B 295 27.71 1.19 3.75
C LEU B 295 26.93 0.28 4.70
N VAL B 296 26.21 0.90 5.63
CA VAL B 296 25.43 0.16 6.60
C VAL B 296 24.27 -0.64 5.93
N PRO B 297 24.07 -1.91 6.33
CA PRO B 297 22.88 -2.63 5.89
C PRO B 297 21.66 -2.19 6.68
N ALA B 298 20.46 -2.37 6.12
CA ALA B 298 19.24 -1.87 6.77
C ALA B 298 19.08 -2.35 8.21
N THR B 299 19.50 -3.57 8.49
CA THR B 299 19.39 -4.15 9.83
C THR B 299 20.03 -3.21 10.86
N LEU B 300 21.10 -2.55 10.46
CA LEU B 300 21.88 -1.76 11.40
C LEU B 300 21.74 -0.24 11.19
N SER B 301 20.69 0.14 10.46
CA SER B 301 20.45 1.53 10.17
C SER B 301 19.29 2.09 10.99
N LYS B 302 19.56 3.08 11.83
CA LYS B 302 18.48 3.73 12.61
C LYS B 302 17.56 4.49 11.66
N LYS B 303 18.12 4.98 10.57
CA LYS B 303 17.33 5.71 9.58
C LYS B 303 16.24 4.85 8.96
N VAL B 304 16.55 3.57 8.73
CA VAL B 304 15.57 2.65 8.12
C VAL B 304 14.65 2.04 9.15
N MET B 305 15.23 1.63 10.27
CA MET B 305 14.48 0.88 11.28
C MET B 305 13.59 1.77 12.12
N THR B 306 14.09 2.94 12.49
CA THR B 306 13.33 3.85 13.34
C THR B 306 12.66 4.93 12.52
N GLY B 307 13.45 5.62 11.69
CA GLY B 307 12.93 6.73 10.92
C GLY B 307 11.86 6.29 9.93
N LEU B 308 12.13 5.23 9.20
CA LEU B 308 11.22 4.79 8.15
C LEU B 308 10.16 3.83 8.68
N LEU B 309 10.61 2.71 9.22
CA LEU B 309 9.67 1.62 9.57
C LEU B 309 8.76 1.97 10.73
N ARG B 310 9.39 2.37 11.82
CA ARG B 310 8.73 2.73 13.06
C ARG B 310 7.92 4.03 12.94
N GLN B 311 8.58 5.09 12.48
CA GLN B 311 7.97 6.41 12.52
C GLN B 311 7.14 6.73 11.27
N GLU B 312 7.76 6.71 10.10
CA GLU B 312 7.00 7.08 8.90
C GLU B 312 5.89 6.08 8.61
N MET B 313 6.23 4.80 8.69
CA MET B 313 5.28 3.75 8.33
C MET B 313 4.41 3.24 9.46
N GLY B 314 4.72 3.68 10.67
CA GLY B 314 3.81 3.48 11.78
C GLY B 314 3.74 2.06 12.32
N PHE B 315 4.82 1.29 12.07
CA PHE B 315 4.88 -0.07 12.60
C PHE B 315 5.23 -0.08 14.09
N ASN B 316 4.31 -0.54 14.92
CA ASN B 316 4.61 -0.61 16.35
C ASN B 316 4.80 -2.03 16.88
N GLY B 317 4.96 -2.97 15.96
CA GLY B 317 5.19 -4.35 16.34
C GLY B 317 6.65 -4.69 16.56
N VAL B 318 6.93 -5.99 16.56
CA VAL B 318 8.27 -6.46 16.87
C VAL B 318 9.12 -6.49 15.64
N ILE B 319 10.25 -5.79 15.66
CA ILE B 319 11.21 -5.83 14.58
C ILE B 319 12.29 -6.87 14.92
N VAL B 320 12.45 -7.87 14.05
CA VAL B 320 13.45 -8.91 14.29
C VAL B 320 14.51 -8.82 13.20
N THR B 321 15.78 -8.96 13.59
CA THR B 321 16.85 -8.96 12.59
C THR B 321 16.78 -10.21 11.75
N ASN B 322 17.24 -10.12 10.50
CA ASN B 322 17.65 -11.30 9.80
C ASN B 322 18.83 -11.93 10.59
N ALA B 323 19.17 -13.19 10.31
CA ALA B 323 20.18 -13.91 11.10
C ALA B 323 21.52 -13.18 11.18
N LEU B 324 21.97 -12.91 12.40
CA LEU B 324 23.22 -12.18 12.62
C LEU B 324 24.49 -13.01 12.40
N ASN B 325 24.36 -14.31 12.19
CA ASN B 325 25.52 -15.14 11.88
C ASN B 325 25.83 -15.15 10.38
N MET B 326 25.02 -14.44 9.60
CA MET B 326 25.30 -14.32 8.17
C MET B 326 26.72 -13.82 7.99
N LYS B 327 27.47 -14.49 7.11
CA LYS B 327 28.92 -14.39 7.13
C LYS B 327 29.41 -12.96 6.96
N ALA B 328 28.69 -12.17 6.15
CA ALA B 328 29.13 -10.82 5.85
C ALA B 328 28.93 -9.88 7.03
N ILE B 329 27.87 -10.14 7.81
CA ILE B 329 27.59 -9.38 9.03
C ILE B 329 28.68 -9.69 10.05
N ALA B 330 28.90 -10.98 10.26
CA ALA B 330 29.92 -11.45 11.19
C ALA B 330 31.29 -10.88 10.81
N ASP B 331 31.57 -10.82 9.50
CA ASP B 331 32.88 -10.42 9.04
C ASP B 331 33.11 -8.90 9.08
N HIS B 332 32.13 -8.15 8.61
CA HIS B 332 32.24 -6.70 8.54
C HIS B 332 32.01 -6.02 9.89
N PHE B 333 31.10 -6.56 10.66
CA PHE B 333 30.68 -5.88 11.87
C PHE B 333 31.01 -6.62 13.15
N GLY B 334 31.13 -7.93 13.03
CA GLY B 334 31.23 -8.77 14.21
C GLY B 334 29.83 -9.06 14.70
N GLN B 335 29.56 -10.32 15.07
CA GLN B 335 28.23 -10.70 15.48
C GLN B 335 27.85 -9.94 16.77
N GLU B 336 28.76 -9.87 17.73
CA GLU B 336 28.44 -9.19 18.99
C GLU B 336 28.17 -7.71 18.79
N GLU B 337 29.06 -7.02 18.08
CA GLU B 337 28.85 -5.59 17.84
C GLU B 337 27.59 -5.34 16.98
N ALA B 338 27.29 -6.26 16.07
CA ALA B 338 26.05 -6.14 15.27
C ALA B 338 24.78 -6.19 16.13
N VAL B 339 24.81 -6.97 17.21
CA VAL B 339 23.66 -6.99 18.11
C VAL B 339 23.45 -5.59 18.68
N VAL B 340 24.51 -5.01 19.25
CA VAL B 340 24.41 -3.67 19.80
C VAL B 340 23.95 -2.65 18.76
N MET B 341 24.53 -2.69 17.56
CA MET B 341 24.17 -1.73 16.52
C MET B 341 22.72 -1.94 16.08
N ALA B 342 22.25 -3.19 16.05
CA ALA B 342 20.87 -3.44 15.63
C ALA B 342 19.87 -2.90 16.64
N VAL B 343 20.16 -3.18 17.90
CA VAL B 343 19.32 -2.68 18.98
C VAL B 343 19.37 -1.14 18.95
N LYS B 344 20.55 -0.55 18.80
CA LYS B 344 20.63 0.93 18.70
C LYS B 344 19.78 1.46 17.55
N ALA B 345 19.75 0.72 16.43
CA ALA B 345 18.98 1.17 15.27
C ALA B 345 17.48 1.09 15.52
N GLY B 346 17.07 0.29 16.51
CA GLY B 346 15.68 0.20 16.91
C GLY B 346 15.03 -1.18 16.78
N VAL B 347 15.82 -2.22 16.55
CA VAL B 347 15.21 -3.55 16.45
C VAL B 347 14.88 -4.06 17.85
N ASP B 348 13.96 -5.02 17.93
CA ASP B 348 13.49 -5.53 19.22
C ASP B 348 14.11 -6.87 19.53
N ILE B 349 14.34 -7.69 18.49
CA ILE B 349 14.89 -9.01 18.68
C ILE B 349 16.12 -9.20 17.79
N ALA B 350 17.24 -9.54 18.40
CA ALA B 350 18.44 -9.95 17.68
C ALA B 350 18.38 -11.45 17.43
N LEU B 351 18.27 -11.82 16.16
CA LEU B 351 18.18 -13.22 15.77
C LEU B 351 19.57 -13.82 15.58
N MET B 352 19.80 -14.91 16.30
CA MET B 352 21.09 -15.60 16.31
C MET B 352 22.25 -14.66 16.60
N PRO B 353 22.22 -14.06 17.77
CA PRO B 353 23.20 -13.07 18.21
C PRO B 353 24.55 -13.67 18.56
N ALA B 354 24.58 -14.99 18.74
CA ALA B 354 25.82 -15.70 19.02
C ALA B 354 25.68 -17.16 18.65
N SER B 355 26.77 -17.76 18.18
CA SER B 355 26.75 -19.16 17.77
C SER B 355 27.38 -20.04 18.85
N VAL B 356 26.54 -20.68 19.66
CA VAL B 356 27.00 -21.49 20.78
C VAL B 356 26.57 -22.94 20.58
N THR B 357 27.54 -23.85 20.44
CA THR B 357 27.30 -25.26 20.18
C THR B 357 27.82 -26.16 21.31
N SER B 358 28.42 -25.55 22.33
CA SER B 358 28.76 -26.31 23.52
C SER B 358 28.95 -25.38 24.72
N LEU B 359 29.06 -25.98 25.90
CA LEU B 359 29.31 -25.18 27.12
C LEU B 359 30.67 -24.47 27.09
N LYS B 360 31.59 -24.93 26.24
CA LYS B 360 32.91 -24.31 26.12
C LYS B 360 32.83 -22.90 25.58
N GLU B 361 31.72 -22.54 24.94
CA GLU B 361 31.62 -21.22 24.38
C GLU B 361 30.36 -20.51 24.86
N GLU B 362 29.81 -20.98 25.98
CA GLU B 362 28.63 -20.39 26.61
C GLU B 362 28.80 -18.87 26.87
N GLN B 363 30.02 -18.48 27.20
CA GLN B 363 30.26 -17.07 27.57
C GLN B 363 30.05 -16.11 26.42
N LYS B 364 29.89 -16.62 25.19
CA LYS B 364 29.49 -15.78 24.09
C LYS B 364 28.18 -15.05 24.42
N PHE B 365 27.26 -15.74 25.08
CA PHE B 365 25.99 -15.15 25.51
C PHE B 365 26.22 -14.08 26.56
N ALA B 366 27.09 -14.38 27.53
CA ALA B 366 27.35 -13.45 28.60
C ALA B 366 27.96 -12.18 28.05
N ARG B 367 28.79 -12.34 27.03
CA ARG B 367 29.48 -11.20 26.46
C ARG B 367 28.51 -10.36 25.61
N VAL B 368 27.55 -11.02 24.96
CA VAL B 368 26.56 -10.26 24.20
C VAL B 368 25.71 -9.42 25.16
N ILE B 369 25.23 -10.04 26.24
CA ILE B 369 24.50 -9.29 27.25
C ILE B 369 25.32 -8.11 27.79
N GLN B 370 26.60 -8.35 28.07
CA GLN B 370 27.47 -7.34 28.63
C GLN B 370 27.68 -6.17 27.69
N ALA B 371 27.80 -6.44 26.39
CA ALA B 371 27.97 -5.39 25.41
C ALA B 371 26.71 -4.53 25.41
N LEU B 372 25.55 -5.15 25.54
CA LEU B 372 24.30 -4.37 25.61
C LEU B 372 24.23 -3.54 26.88
N LYS B 373 24.66 -4.14 27.98
CA LYS B 373 24.69 -3.42 29.24
C LYS B 373 25.61 -2.20 29.19
N GLU B 374 26.77 -2.35 28.53
CA GLU B 374 27.72 -1.24 28.42
C GLU B 374 27.12 -0.09 27.60
N ALA B 375 26.39 -0.42 26.55
CA ALA B 375 25.76 0.57 25.68
C ALA B 375 24.66 1.30 26.47
N VAL B 376 23.91 0.57 27.30
CA VAL B 376 22.95 1.22 28.18
C VAL B 376 23.67 2.12 29.20
N LYS B 377 24.70 1.58 29.85
CA LYS B 377 25.45 2.32 30.86
C LYS B 377 26.02 3.63 30.36
N ASN B 378 26.58 3.62 29.14
CA ASN B 378 27.23 4.82 28.63
C ASN B 378 26.31 5.74 27.82
N GLY B 379 25.05 5.34 27.67
CA GLY B 379 24.06 6.20 27.07
C GLY B 379 23.87 6.02 25.56
N ASP B 380 24.59 5.07 24.99
CA ASP B 380 24.45 4.76 23.57
C ASP B 380 23.03 4.29 23.22
N ILE B 381 22.45 3.50 24.14
CA ILE B 381 21.09 3.02 24.01
C ILE B 381 20.34 3.46 25.27
N PRO B 382 19.37 4.38 25.13
CA PRO B 382 18.61 4.84 26.30
C PRO B 382 17.86 3.67 26.95
N GLU B 383 17.79 3.63 28.28
CA GLU B 383 17.14 2.50 28.93
C GLU B 383 15.67 2.39 28.55
N GLN B 384 15.00 3.53 28.33
CA GLN B 384 13.60 3.46 27.96
C GLN B 384 13.40 2.75 26.62
N GLN B 385 14.40 2.82 25.75
CA GLN B 385 14.31 2.15 24.47
C GLN B 385 14.27 0.66 24.69
N ILE B 386 15.08 0.18 25.62
CA ILE B 386 15.06 -1.23 25.97
C ILE B 386 13.72 -1.66 26.49
N ASN B 387 13.19 -0.87 27.42
CA ASN B 387 11.88 -1.14 27.98
C ASN B 387 10.79 -1.19 26.92
N ASN B 388 10.78 -0.23 26.02
CA ASN B 388 9.80 -0.21 24.92
C ASN B 388 9.90 -1.45 24.04
N SER B 389 11.13 -1.92 23.80
CA SER B 389 11.33 -3.10 22.96
C SER B 389 10.79 -4.33 23.63
N VAL B 390 11.09 -4.46 24.93
CA VAL B 390 10.65 -5.66 25.66
C VAL B 390 9.14 -5.63 25.84
N GLU B 391 8.58 -4.44 25.99
CA GLU B 391 7.13 -4.30 26.00
C GLU B 391 6.50 -4.82 24.72
N ARG B 392 7.13 -4.54 23.57
CA ARG B 392 6.59 -5.02 22.31
C ARG B 392 6.58 -6.56 22.21
N ILE B 393 7.68 -7.18 22.65
CA ILE B 393 7.82 -8.61 22.65
C ILE B 393 6.79 -9.29 23.57
N ILE B 394 6.69 -8.79 24.79
CA ILE B 394 5.77 -9.40 25.77
C ILE B 394 4.34 -9.20 25.30
N SER B 395 4.07 -8.02 24.79
CA SER B 395 2.75 -7.72 24.26
C SER B 395 2.35 -8.68 23.14
N LEU B 396 3.29 -9.02 22.26
CA LEU B 396 3.02 -9.97 21.20
C LEU B 396 2.73 -11.36 21.76
N LYS B 397 3.53 -11.77 22.74
CA LYS B 397 3.33 -13.07 23.40
C LYS B 397 1.94 -13.15 24.04
N ILE B 398 1.49 -12.06 24.63
CA ILE B 398 0.15 -12.03 25.21
C ILE B 398 -0.91 -12.05 24.11
N LYS B 399 -0.74 -11.22 23.08
CA LYS B 399 -1.73 -11.12 22.01
C LYS B 399 -2.00 -12.46 21.32
N ARG B 400 -0.94 -13.24 21.08
CA ARG B 400 -1.05 -14.53 20.37
C ARG B 400 -1.27 -15.75 21.30
N GLY B 401 -1.57 -15.48 22.56
CA GLY B 401 -1.86 -16.53 23.51
C GLY B 401 -0.65 -17.38 23.89
N MET B 402 0.55 -16.82 23.78
CA MET B 402 1.76 -17.51 24.20
C MET B 402 1.92 -17.42 25.70
N TYR B 403 1.41 -16.33 26.25
CA TYR B 403 1.56 -16.02 27.66
C TYR B 403 0.23 -15.52 28.13
N PRO B 404 -0.23 -16.00 29.29
CA PRO B 404 0.39 -17.06 30.09
C PRO B 404 0.08 -18.45 29.51
N ALA B 405 0.92 -19.41 29.80
CA ALA B 405 0.68 -20.80 29.38
C ALA B 405 -0.10 -21.54 30.47
N ARG B 406 -1.28 -22.03 30.14
CA ARG B 406 -2.10 -22.74 31.12
C ARG B 406 -2.56 -24.10 30.58
N ASN B 407 -1.85 -24.60 29.56
CA ASN B 407 -2.21 -25.87 28.94
C ASN B 407 -1.92 -27.02 29.88
N SER B 408 -2.97 -27.76 30.21
CA SER B 408 -2.84 -28.85 31.16
C SER B 408 -2.60 -30.20 30.52
N ASP B 409 -2.57 -30.24 29.19
CA ASP B 409 -2.27 -31.49 28.49
C ASP B 409 -0.84 -31.99 28.78
N SER B 410 -0.67 -33.29 28.96
CA SER B 410 0.66 -33.83 29.11
C SER B 410 1.34 -33.79 27.75
N THR B 411 2.65 -34.00 27.74
CA THR B 411 3.36 -34.06 26.47
C THR B 411 2.79 -35.20 25.60
N LYS B 412 2.58 -36.38 26.20
CA LYS B 412 1.98 -37.51 25.51
C LYS B 412 0.66 -37.13 24.84
N GLU B 413 -0.19 -36.44 25.58
CA GLU B 413 -1.47 -35.98 25.04
C GLU B 413 -1.32 -34.99 23.90
N LYS B 414 -0.34 -34.09 23.97
CA LYS B 414 -0.12 -33.13 22.90
C LYS B 414 0.41 -33.84 21.66
N ILE B 415 1.24 -34.84 21.85
CA ILE B 415 1.76 -35.60 20.72
C ILE B 415 0.65 -36.30 19.97
N ALA B 416 -0.28 -36.90 20.69
CA ALA B 416 -1.39 -37.59 20.05
C ALA B 416 -2.26 -36.60 19.27
N LYS B 417 -2.53 -35.44 19.86
CA LYS B 417 -3.27 -34.41 19.13
C LYS B 417 -2.51 -33.96 17.87
N ALA B 418 -1.20 -33.76 17.95
CA ALA B 418 -0.45 -33.25 16.79
C ALA B 418 -0.38 -34.27 15.67
N LYS B 419 -0.33 -35.56 16.03
CA LYS B 419 -0.30 -36.62 15.02
C LYS B 419 -1.55 -36.65 14.14
N LYS B 420 -2.66 -36.15 14.65
CA LYS B 420 -3.91 -36.11 13.87
C LYS B 420 -3.96 -34.96 12.88
N ILE B 421 -3.13 -33.95 13.16
CA ILE B 421 -3.20 -32.66 12.45
C ILE B 421 -2.06 -32.47 11.45
N VAL B 422 -0.84 -32.75 11.88
CA VAL B 422 0.35 -32.40 11.12
C VAL B 422 0.50 -33.38 9.97
N GLY B 423 0.50 -32.86 8.74
CA GLY B 423 0.54 -33.71 7.57
C GLY B 423 -0.70 -34.58 7.42
N SER B 424 -1.82 -34.16 8.02
CA SER B 424 -3.08 -34.88 7.85
C SER B 424 -3.45 -34.99 6.36
N LYS B 425 -4.27 -35.98 6.00
CA LYS B 425 -4.64 -36.17 4.60
C LYS B 425 -5.52 -35.02 4.10
N GLN B 426 -6.24 -34.39 5.02
CA GLN B 426 -7.02 -33.20 4.68
C GLN B 426 -6.08 -32.11 4.21
N HIS B 427 -4.96 -31.97 4.90
CA HIS B 427 -3.99 -30.95 4.52
C HIS B 427 -3.30 -31.31 3.21
N LEU B 428 -3.00 -32.60 3.04
CA LEU B 428 -2.33 -33.03 1.81
C LEU B 428 -3.27 -32.85 0.62
N LYS B 429 -4.58 -33.02 0.83
CA LYS B 429 -5.49 -32.79 -0.29
C LYS B 429 -5.53 -31.31 -0.70
N ALA B 430 -5.56 -30.43 0.29
CA ALA B 430 -5.51 -29.00 0.00
C ALA B 430 -4.24 -28.64 -0.77
N GLU B 431 -3.11 -29.21 -0.31
CA GLU B 431 -1.82 -29.00 -0.97
C GLU B 431 -1.88 -29.43 -2.44
N LYS B 432 -2.41 -30.63 -2.67
CA LYS B 432 -2.48 -31.18 -4.02
C LYS B 432 -3.28 -30.27 -4.93
N LYS B 433 -4.46 -29.83 -4.48
CA LYS B 433 -5.34 -29.02 -5.33
C LYS B 433 -4.72 -27.62 -5.57
N LEU B 434 -4.00 -27.11 -4.58
CA LEU B 434 -3.37 -25.80 -4.74
C LEU B 434 -2.24 -25.92 -5.78
N ALA B 435 -1.41 -26.96 -5.67
CA ALA B 435 -0.32 -27.13 -6.62
C ALA B 435 -0.88 -27.29 -8.04
N GLU B 436 -1.96 -28.05 -8.18
CA GLU B 436 -2.58 -28.27 -9.48
C GLU B 436 -3.21 -27.00 -10.04
N LYS B 437 -3.85 -26.22 -9.17
CA LYS B 437 -4.45 -24.97 -9.55
C LYS B 437 -3.39 -24.02 -10.09
N ALA B 438 -2.17 -24.11 -9.56
CA ALA B 438 -1.14 -23.12 -9.89
C ALA B 438 -0.49 -23.40 -11.24
N VAL B 439 -0.59 -24.64 -11.70
CA VAL B 439 0.05 -25.04 -12.95
C VAL B 439 -0.42 -24.10 -14.04
N THR B 440 0.54 -23.55 -14.78
CA THR B 440 0.23 -22.50 -15.73
C THR B 440 0.51 -23.01 -17.12
N VAL B 441 -0.51 -23.01 -17.96
CA VAL B 441 -0.36 -23.49 -19.33
C VAL B 441 -0.05 -22.31 -20.26
N LEU B 442 1.12 -22.32 -20.89
CA LEU B 442 1.52 -21.22 -21.77
C LEU B 442 1.30 -21.53 -23.25
N LYS B 443 1.41 -22.82 -23.61
CA LYS B 443 1.09 -23.25 -24.97
C LYS B 443 0.42 -24.63 -24.91
N ASN B 444 -0.61 -24.81 -25.73
CA ASN B 444 -1.14 -26.16 -25.99
C ASN B 444 -1.71 -26.26 -27.39
N GLU B 445 -0.82 -26.36 -28.38
CA GLU B 445 -1.25 -26.42 -29.78
C GLU B 445 -1.61 -27.84 -30.24
N GLN B 446 -2.52 -27.94 -31.20
CA GLN B 446 -2.86 -29.21 -31.85
C GLN B 446 -3.42 -30.21 -30.84
N HIS B 447 -3.96 -29.70 -29.74
CA HIS B 447 -4.42 -30.53 -28.61
C HIS B 447 -3.40 -31.54 -28.18
N THR B 448 -2.15 -31.10 -28.11
CA THR B 448 -1.06 -31.96 -27.67
C THR B 448 -1.34 -32.50 -26.27
N LEU B 449 -1.74 -31.62 -25.35
CA LEU B 449 -2.16 -32.05 -24.02
C LEU B 449 -3.70 -32.15 -23.93
N PRO B 450 -4.22 -33.03 -23.05
CA PRO B 450 -3.60 -34.13 -22.31
C PRO B 450 -2.97 -35.20 -23.19
N PHE B 451 -1.88 -35.83 -22.73
CA PHE B 451 -1.42 -37.09 -23.31
C PHE B 451 -2.45 -38.17 -22.97
N LYS B 452 -2.86 -38.93 -23.95
CA LYS B 452 -3.81 -40.03 -23.72
C LYS B 452 -3.22 -41.29 -24.32
N PRO B 453 -2.16 -41.82 -23.69
CA PRO B 453 -1.39 -42.88 -24.37
C PRO B 453 -2.18 -44.17 -24.44
N LYS B 454 -2.05 -44.88 -25.55
CA LYS B 454 -2.64 -46.21 -25.66
C LYS B 454 -1.75 -47.19 -24.91
N LYS B 455 -2.30 -48.35 -24.61
CA LYS B 455 -1.57 -49.36 -23.86
C LYS B 455 -0.29 -49.68 -24.61
N GLY B 456 0.81 -49.74 -23.87
CA GLY B 456 2.09 -50.13 -24.43
C GLY B 456 2.92 -48.96 -24.94
N SER B 457 2.40 -47.74 -24.83
CA SER B 457 3.17 -46.55 -25.20
C SER B 457 4.40 -46.44 -24.31
N ARG B 458 5.46 -45.85 -24.84
CA ARG B 458 6.63 -45.51 -24.06
C ARG B 458 6.72 -44.00 -23.79
N ILE B 459 6.79 -43.65 -22.52
CA ILE B 459 6.95 -42.24 -22.13
C ILE B 459 8.42 -42.06 -21.79
N LEU B 460 9.07 -41.10 -22.45
CA LEU B 460 10.43 -40.71 -22.09
C LEU B 460 10.38 -39.50 -21.18
N ILE B 461 11.01 -39.64 -20.03
CA ILE B 461 10.97 -38.65 -18.97
C ILE B 461 12.33 -38.03 -18.84
N VAL B 462 12.44 -36.73 -19.08
CA VAL B 462 13.78 -36.16 -19.03
C VAL B 462 13.84 -34.90 -18.13
N ALA B 463 14.84 -34.88 -17.25
CA ALA B 463 14.97 -33.82 -16.26
C ALA B 463 16.41 -33.75 -15.79
N PRO B 464 16.81 -32.64 -15.14
CA PRO B 464 18.23 -32.53 -14.77
C PRO B 464 18.70 -33.65 -13.85
N TYR B 465 17.84 -34.01 -12.89
CA TYR B 465 18.23 -34.99 -11.86
C TYR B 465 17.34 -36.21 -11.68
N GLU B 466 17.94 -37.26 -11.13
CA GLU B 466 17.25 -38.51 -10.86
C GLU B 466 16.07 -38.34 -9.90
N GLU B 467 16.21 -37.43 -8.93
CA GLU B 467 15.12 -37.20 -8.00
C GLU B 467 13.91 -36.63 -8.73
N GLN B 468 14.16 -35.83 -9.78
CA GLN B 468 13.09 -35.24 -10.58
C GLN B 468 12.44 -36.22 -11.56
N THR B 469 13.24 -37.02 -12.27
CA THR B 469 12.63 -38.01 -13.15
C THR B 469 11.86 -39.06 -12.33
N ALA B 470 12.33 -39.34 -11.12
CA ALA B 470 11.68 -40.30 -10.24
C ALA B 470 10.32 -39.80 -9.77
N SER B 471 10.21 -38.48 -9.57
CA SER B 471 8.95 -37.86 -9.14
C SER B 471 7.90 -37.96 -10.23
N ILE B 472 8.34 -37.74 -11.47
CA ILE B 472 7.48 -37.88 -12.64
C ILE B 472 7.10 -39.34 -12.81
N GLU B 473 8.08 -40.21 -12.62
CA GLU B 473 7.86 -41.63 -12.84
C GLU B 473 6.86 -42.22 -11.83
N GLN B 474 7.04 -41.84 -10.56
CA GLN B 474 6.20 -42.34 -9.49
C GLN B 474 4.76 -41.87 -9.67
N THR B 475 4.58 -40.63 -10.12
CA THR B 475 3.24 -40.07 -10.39
C THR B 475 2.50 -40.85 -11.48
N ILE B 476 3.20 -41.17 -12.56
CA ILE B 476 2.62 -41.96 -13.67
C ILE B 476 2.33 -43.40 -13.20
N HIS B 477 3.26 -43.98 -12.46
CA HIS B 477 3.08 -45.31 -11.89
C HIS B 477 1.77 -45.37 -11.07
N ASP B 478 1.55 -44.34 -10.27
CA ASP B 478 0.34 -44.22 -9.46
C ASP B 478 -0.89 -44.07 -10.33
N LEU B 479 -0.79 -43.28 -11.41
CA LEU B 479 -1.93 -43.16 -12.35
C LEU B 479 -2.29 -44.52 -12.97
N ILE B 480 -1.30 -45.35 -13.26
CA ILE B 480 -1.56 -46.68 -13.83
C ILE B 480 -2.27 -47.63 -12.87
N LYS B 481 -1.76 -47.72 -11.64
CA LYS B 481 -2.35 -48.58 -10.61
C LYS B 481 -3.77 -48.10 -10.28
N ARG B 482 -3.99 -46.80 -10.41
CA ARG B 482 -5.32 -46.23 -10.16
C ARG B 482 -6.23 -46.33 -11.40
N LYS B 483 -5.70 -46.94 -12.45
CA LYS B 483 -6.44 -47.16 -13.69
C LYS B 483 -6.96 -45.88 -14.35
N LYS B 484 -6.25 -44.78 -14.15
CA LYS B 484 -6.60 -43.51 -14.78
C LYS B 484 -6.01 -43.39 -16.19
N ILE B 485 -4.86 -44.03 -16.41
CA ILE B 485 -4.29 -44.23 -17.74
C ILE B 485 -3.92 -45.70 -17.98
N LYS B 486 -3.84 -46.08 -19.25
CA LYS B 486 -3.45 -47.43 -19.64
C LYS B 486 -1.98 -47.72 -19.28
N PRO B 487 -1.64 -49.00 -19.12
CA PRO B 487 -0.24 -49.37 -18.83
C PRO B 487 0.71 -48.87 -19.90
N VAL B 488 1.74 -48.14 -19.47
CA VAL B 488 2.77 -47.61 -20.35
C VAL B 488 4.14 -47.92 -19.73
N SER B 489 5.17 -47.97 -20.58
CA SER B 489 6.54 -48.13 -20.10
C SER B 489 7.18 -46.77 -19.91
N LEU B 490 8.20 -46.70 -19.07
CA LEU B 490 8.80 -45.42 -18.71
C LEU B 490 10.31 -45.54 -18.87
N SER B 491 10.94 -44.52 -19.43
CA SER B 491 12.41 -44.47 -19.42
C SER B 491 12.81 -43.08 -19.00
N LYS B 492 13.91 -43.02 -18.25
CA LYS B 492 14.36 -41.76 -17.64
C LYS B 492 15.65 -41.29 -18.25
N MET B 493 15.82 -39.98 -18.36
CA MET B 493 17.05 -39.41 -18.90
C MET B 493 17.44 -38.21 -18.04
N ASN B 494 18.52 -38.34 -17.27
CA ASN B 494 18.98 -37.28 -16.38
C ASN B 494 20.09 -36.47 -17.04
N PHE B 495 19.85 -35.19 -17.25
CA PHE B 495 20.74 -34.46 -18.15
C PHE B 495 21.65 -33.42 -17.53
N ALA B 496 21.69 -33.28 -16.21
CA ALA B 496 22.65 -32.31 -15.64
C ALA B 496 24.08 -32.60 -16.12
N SER B 497 24.77 -31.55 -16.57
CA SER B 497 26.14 -31.63 -17.11
C SER B 497 26.30 -32.42 -18.42
N GLN B 498 25.21 -32.69 -19.12
CA GLN B 498 25.33 -33.55 -20.31
C GLN B 498 25.20 -32.81 -21.64
N VAL B 499 25.54 -33.49 -22.74
CA VAL B 499 25.29 -33.01 -24.10
C VAL B 499 24.36 -33.98 -24.80
N PHE B 500 23.38 -33.46 -25.54
CA PHE B 500 22.50 -34.29 -26.32
C PHE B 500 23.24 -34.86 -27.55
N LYS B 501 23.35 -36.18 -27.62
CA LYS B 501 24.02 -36.79 -28.78
C LYS B 501 23.20 -37.98 -29.29
N THR B 502 23.82 -38.86 -30.07
CA THR B 502 23.08 -39.90 -30.79
C THR B 502 22.35 -40.89 -29.89
N GLU B 503 22.93 -41.22 -28.75
CA GLU B 503 22.32 -42.14 -27.80
C GLU B 503 21.04 -41.55 -27.16
N HIS B 504 20.99 -40.23 -27.05
CA HIS B 504 19.82 -39.57 -26.50
C HIS B 504 18.74 -39.47 -27.58
N GLU B 505 19.16 -39.21 -28.80
CA GLU B 505 18.23 -39.11 -29.91
C GLU B 505 17.54 -40.44 -30.15
N LYS B 506 18.27 -41.53 -29.96
CA LYS B 506 17.72 -42.88 -30.11
C LYS B 506 16.58 -43.10 -29.11
N GLN B 507 16.78 -42.62 -27.89
CA GLN B 507 15.73 -42.70 -26.88
C GLN B 507 14.53 -41.85 -27.30
N VAL B 508 14.79 -40.71 -27.93
CA VAL B 508 13.69 -39.85 -28.37
C VAL B 508 12.91 -40.55 -29.51
N LYS B 509 13.62 -41.17 -30.44
CA LYS B 509 12.99 -41.89 -31.55
C LYS B 509 12.13 -43.06 -31.07
N GLU B 510 12.57 -43.72 -30.00
CA GLU B 510 11.85 -44.89 -29.51
C GLU B 510 10.67 -44.51 -28.63
N ALA B 511 10.61 -43.26 -28.19
CA ALA B 511 9.55 -42.84 -27.28
C ALA B 511 8.28 -42.61 -28.05
N ASP B 512 7.15 -42.68 -27.37
CA ASP B 512 5.88 -42.31 -28.00
C ASP B 512 5.39 -40.97 -27.47
N TYR B 513 5.80 -40.66 -26.24
CA TYR B 513 5.50 -39.38 -25.59
C TYR B 513 6.71 -38.89 -24.81
N ILE B 514 6.96 -37.57 -24.83
CA ILE B 514 8.11 -37.02 -24.13
C ILE B 514 7.71 -35.93 -23.16
N ILE B 515 8.16 -36.08 -21.91
CA ILE B 515 8.00 -35.07 -20.88
C ILE B 515 9.38 -34.60 -20.49
N THR B 516 9.63 -33.31 -20.67
CA THR B 516 10.94 -32.74 -20.34
C THR B 516 10.82 -31.64 -19.32
N GLY B 517 11.63 -31.70 -18.27
CA GLY B 517 11.67 -30.64 -17.28
C GLY B 517 12.88 -29.75 -17.45
N SER B 518 12.66 -28.44 -17.37
CA SER B 518 13.72 -27.47 -17.52
C SER B 518 13.86 -26.65 -16.22
N TYR B 519 15.09 -26.38 -15.81
CA TYR B 519 15.36 -25.68 -14.55
C TYR B 519 16.29 -24.48 -14.81
N VAL B 520 15.82 -23.25 -14.59
CA VAL B 520 16.75 -22.12 -14.55
C VAL B 520 16.49 -21.23 -13.33
N VAL B 521 17.54 -20.53 -12.88
CA VAL B 521 17.38 -19.41 -11.98
C VAL B 521 17.31 -18.20 -12.88
N LYS B 522 18.46 -17.75 -13.41
CA LYS B 522 18.46 -16.79 -14.51
C LYS B 522 18.41 -17.56 -15.81
N ASN B 523 17.55 -17.14 -16.73
CA ASN B 523 17.56 -17.75 -18.05
C ASN B 523 18.73 -17.19 -18.85
N ASP B 524 19.74 -18.02 -19.09
CA ASP B 524 20.99 -17.54 -19.69
C ASP B 524 21.49 -18.25 -20.96
N PRO B 525 20.62 -18.44 -21.97
CA PRO B 525 21.09 -19.05 -23.22
C PRO B 525 22.02 -18.13 -23.96
N VAL B 526 22.89 -18.72 -24.76
CA VAL B 526 23.66 -17.93 -25.70
C VAL B 526 22.72 -17.51 -26.80
N VAL B 527 22.59 -16.21 -27.04
CA VAL B 527 21.70 -15.73 -28.07
C VAL B 527 22.49 -14.73 -28.89
N ASN B 528 22.37 -14.81 -30.21
CA ASN B 528 23.04 -13.85 -31.08
C ASN B 528 22.13 -13.30 -32.14
N ASP B 529 22.01 -11.97 -32.15
CA ASP B 529 21.05 -11.29 -32.99
C ASP B 529 19.72 -12.05 -32.98
N GLY B 530 19.19 -12.30 -31.78
CA GLY B 530 17.87 -12.88 -31.65
C GLY B 530 17.75 -14.33 -32.07
N VAL B 531 18.89 -15.03 -32.10
CA VAL B 531 18.89 -16.43 -32.45
C VAL B 531 19.56 -17.24 -31.37
N ILE B 532 18.84 -18.20 -30.81
CA ILE B 532 19.40 -18.99 -29.74
C ILE B 532 20.43 -19.92 -30.36
N ASP B 533 21.62 -19.97 -29.77
CA ASP B 533 22.70 -20.78 -30.32
C ASP B 533 22.51 -22.23 -29.94
N ASP B 534 22.29 -23.08 -30.94
CA ASP B 534 22.11 -24.50 -30.73
C ASP B 534 23.37 -25.30 -31.05
N THR B 535 24.45 -24.60 -31.38
CA THR B 535 25.67 -25.26 -31.86
C THR B 535 26.66 -25.59 -30.75
N ILE B 536 26.27 -25.31 -29.50
CA ILE B 536 27.15 -25.57 -28.35
C ILE B 536 27.15 -27.05 -27.97
N SER B 537 28.26 -27.73 -28.22
CA SER B 537 28.27 -29.18 -28.17
C SER B 537 29.25 -29.76 -27.16
N ASP B 538 29.64 -28.98 -26.17
CA ASP B 538 30.69 -29.39 -25.23
C ASP B 538 30.25 -29.49 -23.78
N SER B 539 28.93 -29.57 -23.58
CA SER B 539 28.24 -29.65 -22.29
C SER B 539 28.04 -28.29 -21.68
N SER B 540 28.77 -27.30 -22.19
CA SER B 540 28.68 -26.00 -21.57
C SER B 540 27.23 -25.54 -21.83
N LYS B 541 26.67 -24.80 -20.90
CA LYS B 541 25.32 -24.25 -20.99
C LYS B 541 24.22 -25.29 -21.15
N TRP B 542 24.39 -26.42 -20.47
CA TRP B 542 23.47 -27.55 -20.58
C TRP B 542 22.04 -27.19 -20.15
N ALA B 543 21.89 -26.29 -19.17
CA ALA B 543 20.57 -26.00 -18.61
C ALA B 543 19.60 -25.47 -19.66
N THR B 544 20.11 -24.87 -20.72
CA THR B 544 19.24 -24.39 -21.77
C THR B 544 19.47 -25.18 -23.06
N VAL B 545 20.70 -25.63 -23.30
CA VAL B 545 21.02 -26.28 -24.59
C VAL B 545 20.39 -27.67 -24.66
N PHE B 546 20.52 -28.43 -23.57
CA PHE B 546 20.00 -29.81 -23.55
C PHE B 546 18.49 -29.94 -23.75
N PRO B 547 17.68 -29.20 -22.94
CA PRO B 547 16.23 -29.36 -23.17
C PRO B 547 15.80 -28.93 -24.56
N ARG B 548 16.39 -27.86 -25.13
CA ARG B 548 16.04 -27.42 -26.48
C ARG B 548 16.44 -28.46 -27.52
N ALA B 549 17.51 -29.21 -27.26
CA ALA B 549 17.91 -30.26 -28.18
C ALA B 549 16.89 -31.40 -28.13
N VAL B 550 16.36 -31.69 -26.94
CA VAL B 550 15.32 -32.70 -26.85
C VAL B 550 14.09 -32.26 -27.62
N MET B 551 13.70 -31.01 -27.43
CA MET B 551 12.56 -30.42 -28.15
C MET B 551 12.74 -30.54 -29.65
N LYS B 552 13.92 -30.16 -30.13
CA LYS B 552 14.15 -30.15 -31.58
C LYS B 552 14.08 -31.58 -32.15
N ALA B 553 14.66 -32.53 -31.43
CA ALA B 553 14.64 -33.93 -31.83
C ALA B 553 13.22 -34.42 -31.89
N ALA B 554 12.45 -34.09 -30.86
CA ALA B 554 11.06 -34.53 -30.74
C ALA B 554 10.23 -34.00 -31.90
N LEU B 555 10.45 -32.74 -32.24
CA LEU B 555 9.70 -32.12 -33.34
C LEU B 555 10.07 -32.73 -34.69
N GLN B 556 11.35 -33.01 -34.89
CA GLN B 556 11.81 -33.64 -36.13
C GLN B 556 11.24 -35.04 -36.28
N HIS B 557 11.10 -35.77 -35.18
CA HIS B 557 10.61 -37.15 -35.29
C HIS B 557 9.12 -37.29 -34.99
N ASN B 558 8.44 -36.15 -35.00
CA ASN B 558 7.00 -36.08 -34.77
C ASN B 558 6.52 -36.71 -33.47
N LYS B 559 7.23 -36.47 -32.37
CA LYS B 559 6.83 -37.02 -31.07
C LYS B 559 6.12 -35.96 -30.26
N PRO B 560 4.96 -36.31 -29.67
CA PRO B 560 4.29 -35.40 -28.72
C PRO B 560 5.25 -35.04 -27.60
N PHE B 561 5.43 -33.74 -27.33
CA PHE B 561 6.47 -33.24 -26.45
C PHE B 561 5.90 -32.12 -25.58
N VAL B 562 6.13 -32.18 -24.28
CA VAL B 562 5.74 -31.10 -23.41
C VAL B 562 6.94 -30.66 -22.58
N LEU B 563 7.17 -29.35 -22.50
CA LEU B 563 8.23 -28.79 -21.64
C LEU B 563 7.56 -28.28 -20.37
N MET B 564 8.12 -28.70 -19.22
CA MET B 564 7.62 -28.30 -17.90
C MET B 564 8.70 -27.49 -17.21
N SER B 565 8.44 -26.21 -17.00
CA SER B 565 9.40 -25.35 -16.34
C SER B 565 9.35 -25.56 -14.84
N LEU B 566 10.51 -25.84 -14.23
CA LEU B 566 10.62 -26.36 -12.87
C LEU B 566 10.91 -25.31 -11.78
N ARG B 567 11.65 -24.25 -12.12
CA ARG B 567 11.91 -23.22 -11.11
C ARG B 567 11.35 -21.88 -11.57
N ASN B 568 12.25 -20.95 -11.92
CA ASN B 568 11.80 -19.68 -12.47
C ASN B 568 11.29 -19.89 -13.89
N PRO B 569 10.13 -19.30 -14.23
CA PRO B 569 9.50 -19.60 -15.50
C PRO B 569 10.11 -18.90 -16.69
N TYR B 570 11.23 -18.19 -16.49
CA TYR B 570 11.80 -17.40 -17.59
C TYR B 570 12.26 -18.27 -18.75
N ASP B 571 12.50 -19.56 -18.45
CA ASP B 571 12.97 -20.50 -19.48
C ASP B 571 11.89 -20.84 -20.50
N ALA B 572 10.66 -20.46 -20.20
CA ALA B 572 9.59 -20.56 -21.20
C ALA B 572 10.00 -19.89 -22.53
N ALA B 573 10.82 -18.84 -22.46
CA ALA B 573 11.26 -18.10 -23.65
C ALA B 573 12.20 -18.90 -24.55
N ASN B 574 12.62 -20.07 -24.07
CA ASN B 574 13.55 -20.91 -24.82
C ASN B 574 12.89 -21.96 -25.71
N PHE B 575 11.56 -21.99 -25.73
CA PHE B 575 10.85 -23.10 -26.36
C PHE B 575 9.68 -22.64 -27.22
N GLU B 576 9.91 -21.58 -27.99
CA GLU B 576 8.87 -21.07 -28.90
C GLU B 576 8.42 -22.10 -29.93
N GLU B 577 9.31 -23.01 -30.31
CA GLU B 577 8.94 -24.03 -31.29
C GLU B 577 8.09 -25.14 -30.67
N ALA B 578 8.01 -25.20 -29.35
CA ALA B 578 7.26 -26.27 -28.69
C ALA B 578 5.76 -26.08 -28.86
N LYS B 579 5.02 -27.18 -28.88
CA LYS B 579 3.58 -27.14 -29.00
C LYS B 579 2.91 -27.12 -27.62
N ALA B 580 3.62 -27.58 -26.60
CA ALA B 580 3.08 -27.68 -25.25
C ALA B 580 4.08 -27.25 -24.21
N LEU B 581 3.66 -26.36 -23.31
CA LEU B 581 4.58 -25.71 -22.41
C LEU B 581 3.83 -25.32 -21.17
N ILE B 582 4.31 -25.78 -20.03
CA ILE B 582 3.65 -25.40 -18.77
C ILE B 582 4.68 -25.03 -17.75
N ALA B 583 4.24 -24.33 -16.69
CA ALA B 583 5.12 -23.99 -15.60
C ALA B 583 4.54 -24.41 -14.26
N VAL B 584 5.40 -24.92 -13.35
CA VAL B 584 4.91 -25.40 -12.05
C VAL B 584 5.56 -24.75 -10.82
N TYR B 585 6.61 -23.96 -11.02
CA TYR B 585 7.18 -23.08 -9.98
C TYR B 585 7.75 -23.77 -8.76
N GLY B 586 8.27 -24.98 -8.96
CA GLY B 586 8.91 -25.71 -7.87
C GLY B 586 9.52 -27.00 -8.37
N PHE B 587 10.72 -27.32 -7.90
CA PHE B 587 11.57 -28.23 -8.67
C PHE B 587 12.02 -29.45 -7.89
N LYS B 588 11.74 -29.50 -6.59
CA LYS B 588 12.27 -30.62 -5.81
C LYS B 588 11.50 -31.90 -6.14
N GLY B 589 12.20 -33.01 -6.06
CA GLY B 589 11.67 -34.25 -6.61
C GLY B 589 11.22 -35.26 -5.57
N TYR B 590 11.50 -36.53 -5.86
CA TYR B 590 11.01 -37.63 -5.03
C TYR B 590 12.21 -38.44 -4.54
N ALA B 591 12.25 -38.71 -3.24
CA ALA B 591 13.36 -39.49 -2.66
C ALA B 591 12.92 -40.22 -1.38
N ASN B 592 13.42 -41.44 -1.19
CA ASN B 592 13.04 -42.26 -0.03
C ASN B 592 11.55 -42.33 0.22
N GLY B 593 10.80 -42.59 -0.85
CA GLY B 593 9.36 -42.77 -0.80
C GLY B 593 8.55 -41.52 -0.49
N ARG B 594 9.16 -40.36 -0.66
CA ARG B 594 8.56 -39.09 -0.27
C ARG B 594 8.69 -38.06 -1.36
N TYR B 595 7.59 -37.36 -1.66
CA TYR B 595 7.66 -36.19 -2.53
C TYR B 595 8.16 -34.95 -1.77
N LEU B 596 9.24 -34.33 -2.26
CA LEU B 596 9.79 -33.15 -1.57
C LEU B 596 8.98 -31.88 -1.81
N GLN B 597 8.27 -31.84 -2.94
CA GLN B 597 7.35 -30.77 -3.26
C GLN B 597 6.21 -31.31 -4.11
N PRO B 598 5.05 -30.66 -4.06
CA PRO B 598 3.93 -31.19 -4.84
C PRO B 598 3.88 -30.66 -6.28
N ASN B 599 4.79 -29.75 -6.67
CA ASN B 599 4.66 -29.05 -7.94
C ASN B 599 4.85 -29.96 -9.14
N ILE B 600 5.87 -30.79 -9.11
CA ILE B 600 6.14 -31.66 -10.24
C ILE B 600 5.00 -32.68 -10.44
N PRO B 601 4.55 -33.38 -9.38
CA PRO B 601 3.36 -34.22 -9.59
C PRO B 601 2.16 -33.44 -10.13
N ALA B 602 2.01 -32.19 -9.71
CA ALA B 602 0.87 -31.39 -10.17
C ALA B 602 0.93 -31.19 -11.67
N GLY B 603 2.14 -30.94 -12.19
CA GLY B 603 2.35 -30.78 -13.62
C GLY B 603 2.04 -32.06 -14.39
N VAL B 604 2.55 -33.18 -13.89
CA VAL B 604 2.32 -34.46 -14.53
C VAL B 604 0.83 -34.78 -14.56
N MET B 605 0.14 -34.52 -13.46
CA MET B 605 -1.31 -34.75 -13.42
C MET B 605 -2.02 -33.94 -14.49
N ALA B 606 -1.58 -32.69 -14.71
CA ALA B 606 -2.17 -31.87 -15.75
C ALA B 606 -1.86 -32.45 -17.13
N ILE B 607 -0.64 -32.93 -17.29
CA ILE B 607 -0.21 -33.44 -18.58
C ILE B 607 -1.06 -34.64 -19.01
N PHE B 608 -1.46 -35.48 -18.04
CA PHE B 608 -2.25 -36.65 -18.39
C PHE B 608 -3.75 -36.43 -18.19
N GLY B 609 -4.14 -35.16 -18.00
CA GLY B 609 -5.54 -34.80 -18.00
C GLY B 609 -6.29 -35.14 -16.71
N GLN B 610 -5.53 -35.27 -15.62
CA GLN B 610 -6.05 -35.69 -14.33
C GLN B 610 -6.10 -34.52 -13.35
N ALA B 611 -5.84 -33.32 -13.84
CA ALA B 611 -5.87 -32.12 -13.03
C ALA B 611 -6.30 -30.93 -13.89
N LYS B 612 -6.79 -29.90 -13.23
CA LYS B 612 -7.24 -28.69 -13.92
C LYS B 612 -6.35 -27.48 -13.61
N PRO B 613 -5.33 -27.24 -14.46
CA PRO B 613 -4.48 -26.05 -14.31
C PRO B 613 -5.32 -24.78 -14.40
N LYS B 614 -5.02 -23.81 -13.56
CA LYS B 614 -5.78 -22.57 -13.52
C LYS B 614 -4.82 -21.40 -13.37
N GLY B 615 -3.55 -21.70 -13.59
CA GLY B 615 -2.50 -20.73 -13.35
C GLY B 615 -2.42 -19.66 -14.41
N THR B 616 -2.04 -18.45 -14.01
CA THR B 616 -1.66 -17.39 -14.94
C THR B 616 -0.32 -16.84 -14.44
N LEU B 617 0.54 -16.40 -15.36
CA LEU B 617 1.88 -15.96 -14.97
C LEU B 617 1.83 -14.88 -13.88
N PRO B 618 2.59 -15.10 -12.81
CA PRO B 618 2.68 -14.06 -11.79
C PRO B 618 3.91 -13.16 -12.02
N VAL B 619 4.66 -13.41 -13.09
CA VAL B 619 5.73 -12.53 -13.57
C VAL B 619 5.60 -12.36 -15.07
N ASP B 620 6.20 -11.32 -15.62
CA ASP B 620 6.38 -11.19 -17.07
C ASP B 620 7.54 -12.11 -17.49
N ILE B 621 7.46 -12.69 -18.68
CA ILE B 621 8.56 -13.50 -19.24
C ILE B 621 9.21 -12.73 -20.38
N PRO B 622 10.48 -12.32 -20.22
CA PRO B 622 11.12 -11.57 -21.30
C PRO B 622 11.42 -12.47 -22.49
N SER B 623 11.27 -11.95 -23.70
CA SER B 623 11.69 -12.67 -24.89
C SER B 623 13.20 -12.75 -24.94
N VAL B 624 13.75 -13.85 -25.47
CA VAL B 624 15.19 -13.90 -25.72
C VAL B 624 15.45 -13.72 -27.22
N THR B 625 14.48 -14.11 -28.05
CA THR B 625 14.65 -13.95 -29.48
C THR B 625 14.36 -12.52 -29.98
N LYS B 626 13.57 -11.76 -29.22
CA LYS B 626 13.36 -10.34 -29.54
C LYS B 626 13.61 -9.51 -28.29
N PRO B 627 14.90 -9.32 -27.95
CA PRO B 627 15.30 -8.70 -26.67
C PRO B 627 14.65 -7.33 -26.48
N GLY B 628 14.11 -7.11 -25.28
CA GLY B 628 13.40 -5.87 -24.99
C GLY B 628 11.90 -6.01 -25.09
N ASN B 629 11.46 -7.10 -25.69
CA ASN B 629 10.03 -7.37 -25.79
C ASN B 629 9.64 -8.38 -24.73
N THR B 630 8.41 -8.26 -24.21
CA THR B 630 7.88 -9.24 -23.29
C THR B 630 7.27 -10.38 -24.11
N LEU B 631 7.71 -11.61 -23.89
CA LEU B 631 7.13 -12.76 -24.61
C LEU B 631 5.74 -13.11 -24.09
N TYR B 632 5.64 -13.37 -22.78
CA TYR B 632 4.35 -13.65 -22.14
C TYR B 632 4.16 -12.72 -20.96
N PRO B 633 3.08 -11.93 -20.99
CA PRO B 633 2.90 -10.88 -19.99
C PRO B 633 2.35 -11.47 -18.70
N LEU B 634 2.50 -10.72 -17.60
CA LEU B 634 1.85 -11.05 -16.35
C LEU B 634 0.37 -11.27 -16.59
N GLY B 635 -0.16 -12.37 -16.05
CA GLY B 635 -1.57 -12.67 -16.19
C GLY B 635 -1.91 -13.62 -17.32
N TYR B 636 -0.91 -14.00 -18.13
CA TYR B 636 -1.20 -14.93 -19.24
C TYR B 636 -1.31 -16.37 -18.77
N GLY B 637 -2.30 -17.09 -19.26
CA GLY B 637 -2.41 -18.51 -18.95
C GLY B 637 -3.62 -19.06 -19.68
N LEU B 638 -3.51 -20.30 -20.14
CA LEU B 638 -4.55 -20.90 -20.97
C LEU B 638 -5.37 -21.92 -20.22
N ASN B 639 -6.63 -22.07 -20.63
CA ASN B 639 -7.48 -23.19 -20.26
C ASN B 639 -7.10 -24.35 -21.11
N ILE B 640 -6.63 -25.42 -20.47
CA ILE B 640 -6.06 -26.55 -21.20
C ILE B 640 -7.10 -27.29 -22.04
N LYS B 641 -8.37 -27.17 -21.69
CA LYS B 641 -9.38 -27.90 -22.44
C LYS B 641 -9.87 -27.07 -23.63
N THR B 642 -10.27 -25.84 -23.35
CA THR B 642 -10.87 -24.96 -24.36
C THR B 642 -9.84 -24.15 -25.14
N GLY B 643 -8.59 -24.11 -24.69
CA GLY B 643 -7.61 -23.30 -25.38
C GLY B 643 -7.75 -21.79 -25.18
N ARG B 644 -8.78 -21.35 -24.47
CA ARG B 644 -8.97 -19.91 -24.31
C ARG B 644 -8.16 -19.38 -23.12
N PRO B 645 -7.77 -18.11 -23.18
CA PRO B 645 -7.05 -17.56 -22.02
C PRO B 645 -7.95 -17.57 -20.79
N LEU B 646 -7.34 -17.70 -19.62
CA LEU B 646 -8.10 -17.63 -18.37
C LEU B 646 -8.42 -16.18 -18.01
#